data_3KD9
#
_entry.id   3KD9
#
_cell.length_a   114.810
_cell.length_b   114.810
_cell.length_c   353.917
_cell.angle_alpha   90.00
_cell.angle_beta   90.00
_cell.angle_gamma   90.00
#
_symmetry.space_group_name_H-M   'P 41 21 2'
#
loop_
_entity.id
_entity.type
_entity.pdbx_description
1 polymer 'Coenzyme A disulfide reductase'
2 non-polymer GLYCEROL
3 water water
#
_entity_poly.entity_id   1
_entity_poly.type   'polypeptide(L)'
_entity_poly.pdbx_seq_one_letter_code
;MSLKKVVIIGGGAAGMSAASRVKRLKPEWDVKVFEATEWVSHAPCGIPYVVEGLSTPDKLMYYPPEVFIKKRGIDLHLNA
EVIEVDTGYVRVRENGGEKSYEWDYLVFANGASPQVPAIEGVNLKGVFTADLPPDALAIREYMEKYKVENVVIIGGGYIG
IEMAEAFAAQGKNVTMIVRGERVLRRSFDKEVTDILEEKLKKHVNLRLQEITMKIEGEERVEKVVTDAGEYKAELVILAT
GIKPNIELAKQLGVRIGETGAIWTNEKMQTSVENVYAAGDVAETRHVITGRRVWVPLAPAGNKMGYVAGSNIAGKELHFP
GVLGTAVTKFMDVEIGKTGLTEMEALKEGYDVRTAFIKASTRPHYYPGGREIWLKGVVDNETNRLLGVQVVGSDILPRID
TAAAMLMAGFTTKDAFFTDLAYAPPFAPVWDPLIVLARVLKEGHHHHHH
;
_entity_poly.pdbx_strand_id   A,B,C
#
# COMPACT_ATOMS: atom_id res chain seq x y z
N SER A 2 43.47 5.91 5.58
CA SER A 2 43.66 4.62 4.84
C SER A 2 43.13 4.75 3.40
N LEU A 3 43.58 3.84 2.53
CA LEU A 3 43.18 3.82 1.12
C LEU A 3 42.19 2.67 0.94
N LYS A 4 41.04 2.97 0.34
CA LYS A 4 40.05 1.95 0.10
C LYS A 4 39.65 2.16 -1.35
N LYS A 5 39.57 1.07 -2.12
CA LYS A 5 39.23 1.17 -3.54
C LYS A 5 37.82 0.73 -3.91
N VAL A 6 36.96 1.73 -4.12
CA VAL A 6 35.57 1.52 -4.50
C VAL A 6 35.40 1.41 -6.01
N VAL A 7 34.66 0.40 -6.46
CA VAL A 7 34.42 0.22 -7.87
C VAL A 7 32.91 0.05 -8.09
N ILE A 8 32.37 0.83 -9.03
CA ILE A 8 30.97 0.82 -9.37
C ILE A 8 30.73 0.42 -10.81
N ILE A 9 30.03 -0.69 -11.03
CA ILE A 9 29.70 -1.13 -12.38
C ILE A 9 28.34 -0.52 -12.65
N GLY A 10 28.32 0.62 -13.34
CA GLY A 10 27.04 1.25 -13.59
C GLY A 10 27.08 2.50 -14.44
N GLY A 11 27.13 3.68 -13.81
CA GLY A 11 27.16 4.90 -14.59
C GLY A 11 25.81 5.58 -14.63
N GLY A 12 24.74 4.80 -14.43
CA GLY A 12 23.40 5.34 -14.42
C GLY A 12 23.11 6.15 -13.16
N ALA A 13 21.82 6.36 -12.89
CA ALA A 13 21.39 7.12 -11.71
C ALA A 13 21.89 6.50 -10.42
N ALA A 14 21.58 5.23 -10.23
CA ALA A 14 22.02 4.53 -9.04
C ALA A 14 23.53 4.58 -8.95
N GLY A 15 24.20 4.39 -10.09
CA GLY A 15 25.65 4.41 -10.08
C GLY A 15 26.29 5.70 -9.62
N MET A 16 25.89 6.81 -10.22
CA MET A 16 26.45 8.13 -9.88
C MET A 16 26.15 8.57 -8.46
N SER A 17 24.94 8.28 -7.97
CA SER A 17 24.60 8.65 -6.60
C SER A 17 25.62 7.98 -5.68
N ALA A 18 25.83 6.69 -5.89
CA ALA A 18 26.75 5.91 -5.08
C ALA A 18 28.14 6.57 -5.07
N ALA A 19 28.69 6.80 -6.25
CA ALA A 19 29.99 7.41 -6.37
C ALA A 19 30.00 8.76 -5.67
N SER A 20 29.08 9.62 -6.06
CA SER A 20 28.98 10.94 -5.48
C SER A 20 28.89 10.89 -3.95
N ARG A 21 28.31 9.83 -3.40
CA ARG A 21 28.19 9.75 -1.95
C ARG A 21 29.46 9.24 -1.24
N VAL A 22 30.03 8.17 -1.76
CA VAL A 22 31.24 7.60 -1.18
C VAL A 22 32.33 8.67 -1.26
N LYS A 23 32.36 9.37 -2.39
CA LYS A 23 33.34 10.41 -2.60
C LYS A 23 33.20 11.60 -1.64
N ARG A 24 31.98 12.11 -1.46
CA ARG A 24 31.83 13.24 -0.55
C ARG A 24 32.24 12.84 0.86
N LEU A 25 31.74 11.69 1.32
CA LEU A 25 32.06 11.23 2.67
C LEU A 25 33.54 10.85 2.85
N LYS A 26 34.16 10.22 1.86
CA LYS A 26 35.57 9.87 1.99
C LYS A 26 36.36 10.39 0.78
N PRO A 27 36.66 11.70 0.79
CA PRO A 27 37.42 12.36 -0.28
C PRO A 27 38.68 11.61 -0.72
N GLU A 28 39.42 11.09 0.26
CA GLU A 28 40.68 10.39 0.00
C GLU A 28 40.61 9.00 -0.64
N TRP A 29 39.42 8.41 -0.71
CA TRP A 29 39.30 7.08 -1.31
C TRP A 29 39.31 7.18 -2.84
N ASP A 30 39.63 6.06 -3.50
CA ASP A 30 39.65 6.04 -4.95
C ASP A 30 38.37 5.40 -5.47
N VAL A 31 37.45 6.25 -5.93
CA VAL A 31 36.16 5.81 -6.44
C VAL A 31 36.11 5.85 -7.97
N LYS A 32 35.90 4.70 -8.60
CA LYS A 32 35.85 4.62 -10.05
C LYS A 32 34.52 4.05 -10.52
N VAL A 33 33.87 4.71 -11.48
CA VAL A 33 32.61 4.25 -12.06
C VAL A 33 32.94 3.69 -13.45
N PHE A 34 32.36 2.55 -13.82
CA PHE A 34 32.63 1.91 -15.12
C PHE A 34 31.42 1.79 -16.04
N GLU A 35 31.20 2.79 -16.90
CA GLU A 35 30.08 2.75 -17.82
C GLU A 35 30.51 2.08 -19.12
N ALA A 36 29.67 1.17 -19.59
CA ALA A 36 29.94 0.47 -20.83
C ALA A 36 29.67 1.44 -21.96
N THR A 37 28.69 2.33 -21.73
CA THR A 37 28.31 3.29 -22.76
C THR A 37 29.08 4.61 -22.79
N GLU A 38 28.51 5.58 -23.50
CA GLU A 38 29.10 6.90 -23.67
C GLU A 38 28.39 7.95 -22.82
N TRP A 39 27.30 7.55 -22.18
CA TRP A 39 26.51 8.46 -21.33
C TRP A 39 26.61 8.20 -19.82
N VAL A 40 26.14 9.17 -19.06
CA VAL A 40 26.12 9.10 -17.61
C VAL A 40 24.90 9.87 -17.11
N SER A 41 24.40 9.51 -15.93
CA SER A 41 23.21 10.18 -15.35
C SER A 41 22.10 10.51 -16.37
N GLU A 66 30.72 14.82 -20.13
CA GLU A 66 30.29 15.84 -19.16
C GLU A 66 31.03 15.57 -17.85
N VAL A 67 32.33 15.30 -17.98
CA VAL A 67 33.19 14.98 -16.85
C VAL A 67 33.34 16.03 -15.75
N PHE A 68 32.23 16.64 -15.35
CA PHE A 68 32.27 17.60 -14.25
C PHE A 68 32.49 16.66 -13.04
N ILE A 69 32.19 15.38 -13.28
CA ILE A 69 32.34 14.33 -12.28
C ILE A 69 33.82 14.08 -12.00
N LYS A 70 34.68 14.49 -12.95
CA LYS A 70 36.12 14.33 -12.81
C LYS A 70 36.60 15.34 -11.77
N LYS A 71 35.96 16.51 -11.75
CA LYS A 71 36.29 17.56 -10.80
C LYS A 71 35.75 17.19 -9.41
N ARG A 72 34.64 16.44 -9.36
CA ARG A 72 34.06 16.04 -8.08
C ARG A 72 35.03 15.06 -7.39
N GLY A 73 35.95 14.50 -8.19
CA GLY A 73 36.92 13.57 -7.66
C GLY A 73 36.66 12.13 -8.07
N ILE A 74 35.59 11.91 -8.83
CA ILE A 74 35.26 10.55 -9.25
C ILE A 74 35.94 10.23 -10.58
N ASP A 75 36.61 9.09 -10.62
CA ASP A 75 37.29 8.66 -11.82
C ASP A 75 36.36 7.85 -12.70
N LEU A 76 35.56 8.55 -13.50
CA LEU A 76 34.60 7.92 -14.41
C LEU A 76 35.22 7.41 -15.71
N HIS A 77 34.89 6.16 -16.08
CA HIS A 77 35.41 5.54 -17.30
C HIS A 77 34.27 5.16 -18.26
N LEU A 78 34.05 5.97 -19.30
CA LEU A 78 33.01 5.66 -20.27
C LEU A 78 33.51 4.54 -21.20
N ASN A 79 32.59 3.91 -21.93
CA ASN A 79 32.92 2.82 -22.85
C ASN A 79 33.81 1.79 -22.18
N ALA A 80 33.72 1.72 -20.85
CA ALA A 80 34.50 0.79 -20.06
C ALA A 80 33.67 -0.45 -19.65
N GLU A 81 33.32 -1.28 -20.61
CA GLU A 81 32.53 -2.49 -20.32
C GLU A 81 33.26 -3.50 -19.43
N VAL A 82 32.62 -3.90 -18.34
CA VAL A 82 33.18 -4.90 -17.42
C VAL A 82 32.84 -6.27 -18.00
N ILE A 83 33.84 -7.15 -18.10
CA ILE A 83 33.62 -8.47 -18.69
C ILE A 83 33.84 -9.65 -17.73
N GLU A 84 34.49 -9.39 -16.61
CA GLU A 84 34.76 -10.41 -15.60
C GLU A 84 34.88 -9.75 -14.23
N VAL A 85 34.54 -10.49 -13.17
CA VAL A 85 34.64 -9.94 -11.81
C VAL A 85 34.94 -11.02 -10.77
N ASP A 86 35.79 -10.69 -9.81
CA ASP A 86 36.12 -11.63 -8.76
C ASP A 86 36.52 -10.93 -7.47
N THR A 87 36.57 -11.71 -6.38
CA THR A 87 36.86 -11.15 -5.04
C THR A 87 37.83 -9.97 -4.94
N GLY A 88 38.92 -10.01 -5.70
CA GLY A 88 39.87 -8.90 -5.58
C GLY A 88 39.83 -7.88 -6.68
N TYR A 89 39.60 -8.35 -7.90
CA TYR A 89 39.63 -7.45 -9.02
C TYR A 89 38.45 -7.57 -9.97
N VAL A 90 38.43 -6.66 -10.93
CA VAL A 90 37.42 -6.62 -11.96
C VAL A 90 38.22 -6.54 -13.27
N ARG A 91 37.73 -7.16 -14.34
CA ARG A 91 38.46 -7.13 -15.60
C ARG A 91 37.67 -6.38 -16.66
N VAL A 92 37.88 -5.07 -16.77
CA VAL A 92 37.15 -4.31 -17.75
C VAL A 92 37.88 -4.16 -19.09
N ARG A 93 37.10 -4.25 -20.18
CA ARG A 93 37.60 -4.15 -21.55
C ARG A 93 37.39 -2.72 -22.04
N GLU A 94 38.48 -1.96 -22.03
CA GLU A 94 38.40 -0.58 -22.45
C GLU A 94 39.53 -0.20 -23.43
N ASN A 95 39.14 0.35 -24.58
CA ASN A 95 40.06 0.78 -25.61
C ASN A 95 40.82 -0.39 -26.20
N GLY A 96 40.08 -1.29 -26.84
CA GLY A 96 40.71 -2.45 -27.44
C GLY A 96 41.26 -3.46 -26.47
N GLY A 97 42.08 -2.98 -25.53
CA GLY A 97 42.67 -3.88 -24.56
C GLY A 97 42.00 -4.02 -23.21
N GLU A 98 42.31 -5.14 -22.55
CA GLU A 98 41.80 -5.47 -21.23
C GLU A 98 42.60 -4.71 -20.16
N LYS A 99 42.02 -4.58 -18.96
CA LYS A 99 42.69 -3.91 -17.84
C LYS A 99 41.97 -4.43 -16.58
N SER A 100 42.72 -4.67 -15.51
CA SER A 100 42.08 -5.17 -14.30
C SER A 100 42.35 -4.25 -13.11
N TYR A 101 41.26 -3.88 -12.43
CA TYR A 101 41.33 -3.00 -11.28
C TYR A 101 40.97 -3.72 -9.97
N GLU A 102 41.68 -3.35 -8.91
CA GLU A 102 41.51 -3.90 -7.59
C GLU A 102 40.31 -3.20 -6.93
N TRP A 103 39.72 -3.80 -5.90
CA TRP A 103 38.59 -3.20 -5.21
C TRP A 103 38.37 -3.74 -3.80
N ASP A 104 38.08 -2.85 -2.87
CA ASP A 104 37.80 -3.24 -1.49
C ASP A 104 36.27 -3.23 -1.31
N TYR A 105 35.60 -2.48 -2.17
CA TYR A 105 34.15 -2.35 -2.15
C TYR A 105 33.61 -2.38 -3.57
N LEU A 106 32.57 -3.17 -3.81
CA LEU A 106 31.98 -3.24 -5.15
C LEU A 106 30.51 -2.85 -5.12
N VAL A 107 30.04 -2.24 -6.21
CA VAL A 107 28.66 -1.84 -6.31
C VAL A 107 28.10 -2.20 -7.70
N PHE A 108 27.10 -3.08 -7.72
CA PHE A 108 26.44 -3.45 -8.98
C PHE A 108 25.36 -2.38 -9.16
N ALA A 109 25.51 -1.57 -10.19
CA ALA A 109 24.57 -0.51 -10.50
C ALA A 109 24.43 -0.55 -12.00
N ASN A 110 24.55 -1.77 -12.54
CA ASN A 110 24.47 -1.97 -13.97
C ASN A 110 23.04 -2.01 -14.55
N GLY A 111 22.08 -1.58 -13.76
CA GLY A 111 20.69 -1.51 -14.21
C GLY A 111 20.01 -2.69 -14.89
N ALA A 112 19.05 -2.38 -15.76
CA ALA A 112 18.29 -3.41 -16.48
C ALA A 112 18.17 -3.17 -17.98
N SER A 113 18.05 -4.26 -18.73
CA SER A 113 17.97 -4.18 -20.17
C SER A 113 16.63 -4.60 -20.76
N PRO A 114 16.33 -4.13 -21.98
CA PRO A 114 15.07 -4.50 -22.63
C PRO A 114 15.04 -5.99 -22.88
N GLN A 115 13.87 -6.58 -22.72
CA GLN A 115 13.69 -8.01 -22.90
C GLN A 115 12.91 -8.20 -24.21
N VAL A 116 13.58 -8.69 -25.25
CA VAL A 116 12.94 -8.87 -26.56
C VAL A 116 12.21 -10.19 -26.73
N PRO A 117 11.09 -10.17 -27.47
CA PRO A 117 10.36 -11.43 -27.68
C PRO A 117 11.21 -12.29 -28.61
N ALA A 118 10.97 -13.58 -28.60
CA ALA A 118 11.69 -14.49 -29.46
C ALA A 118 10.79 -14.65 -30.70
N ILE A 119 10.84 -13.65 -31.57
CA ILE A 119 10.04 -13.65 -32.78
C ILE A 119 10.85 -13.22 -34.00
N GLU A 120 10.32 -13.58 -35.17
CA GLU A 120 10.90 -13.32 -36.48
C GLU A 120 11.32 -11.88 -36.74
N GLY A 121 12.58 -11.72 -37.12
CA GLY A 121 13.11 -10.41 -37.47
C GLY A 121 13.10 -9.29 -36.44
N VAL A 122 13.46 -9.62 -35.20
CA VAL A 122 13.51 -8.60 -34.15
C VAL A 122 14.53 -7.51 -34.55
N ASN A 123 15.40 -7.83 -35.51
CA ASN A 123 16.41 -6.86 -35.91
C ASN A 123 16.32 -6.28 -37.32
N LEU A 124 15.09 -6.00 -37.78
CA LEU A 124 14.92 -5.36 -39.08
C LEU A 124 15.26 -3.89 -38.80
N LYS A 125 15.88 -3.21 -39.74
CA LYS A 125 16.25 -1.81 -39.54
C LYS A 125 15.20 -0.89 -38.90
N GLY A 126 13.92 -1.16 -39.07
CA GLY A 126 12.93 -0.27 -38.47
C GLY A 126 12.41 -0.59 -37.06
N VAL A 127 13.08 -1.53 -36.38
CA VAL A 127 12.70 -1.97 -35.03
C VAL A 127 13.55 -1.34 -33.91
N PHE A 128 12.89 -0.93 -32.83
CA PHE A 128 13.58 -0.31 -31.70
C PHE A 128 13.08 -0.79 -30.32
N THR A 129 13.75 -0.30 -29.28
CA THR A 129 13.43 -0.56 -27.88
C THR A 129 13.79 0.76 -27.22
N ALA A 130 12.94 1.25 -26.33
CA ALA A 130 13.23 2.54 -25.69
C ALA A 130 14.02 2.38 -24.39
N ASP A 131 15.35 2.54 -24.48
CA ASP A 131 16.22 2.39 -23.31
C ASP A 131 17.34 3.45 -23.23
N LEU A 132 18.58 3.06 -23.53
CA LEU A 132 19.72 3.98 -23.50
C LEU A 132 19.48 5.26 -24.33
N PRO A 133 19.90 6.41 -23.80
CA PRO A 133 19.72 7.68 -24.51
C PRO A 133 19.90 7.74 -26.03
N PRO A 134 20.90 7.04 -26.59
CA PRO A 134 21.00 7.14 -28.06
C PRO A 134 19.70 6.76 -28.77
N ASP A 135 18.97 5.81 -28.18
CA ASP A 135 17.69 5.36 -28.73
C ASP A 135 16.80 6.53 -29.15
N ALA A 136 16.71 7.55 -28.31
CA ALA A 136 15.91 8.74 -28.64
C ALA A 136 16.43 9.34 -29.95
N LEU A 137 17.71 9.72 -29.97
CA LEU A 137 18.29 10.29 -31.17
C LEU A 137 18.06 9.34 -32.37
N ALA A 138 18.46 8.08 -32.20
CA ALA A 138 18.29 7.06 -33.23
C ALA A 138 16.84 6.99 -33.74
N ILE A 139 15.90 6.65 -32.86
CA ILE A 139 14.51 6.55 -33.27
C ILE A 139 14.08 7.81 -34.01
N ARG A 140 14.33 8.98 -33.41
CA ARG A 140 13.94 10.25 -34.05
C ARG A 140 14.68 10.44 -35.40
N GLU A 141 15.88 9.86 -35.53
CA GLU A 141 16.61 9.97 -36.80
C GLU A 141 15.81 9.15 -37.85
N TYR A 142 15.74 7.82 -37.64
CA TYR A 142 15.01 6.95 -38.56
C TYR A 142 13.63 7.52 -38.93
N MET A 143 12.98 8.21 -38.01
CA MET A 143 11.67 8.81 -38.28
C MET A 143 11.87 10.12 -39.02
N GLU A 144 12.94 10.83 -38.66
CA GLU A 144 13.27 12.11 -39.28
C GLU A 144 14.35 11.91 -40.33
N LYS A 145 14.00 11.10 -41.34
CA LYS A 145 14.88 10.75 -42.44
C LYS A 145 14.01 9.86 -43.33
N TYR A 146 14.08 8.55 -43.10
CA TYR A 146 13.25 7.62 -43.86
C TYR A 146 11.83 8.07 -43.54
N LYS A 147 11.01 8.28 -44.56
CA LYS A 147 9.63 8.71 -44.31
C LYS A 147 8.97 7.56 -43.58
N VAL A 148 8.28 7.88 -42.50
CA VAL A 148 7.59 6.86 -41.71
C VAL A 148 6.14 7.28 -41.49
N GLU A 149 5.21 6.41 -41.86
CA GLU A 149 3.80 6.71 -41.70
C GLU A 149 3.14 5.94 -40.57
N ASN A 150 3.17 4.61 -40.68
CA ASN A 150 2.57 3.73 -39.68
C ASN A 150 3.60 3.13 -38.73
N VAL A 151 3.38 3.35 -37.44
CA VAL A 151 4.29 2.83 -36.42
C VAL A 151 3.56 1.85 -35.50
N VAL A 152 4.17 0.70 -35.26
CA VAL A 152 3.54 -0.31 -34.42
C VAL A 152 4.25 -0.53 -33.08
N ILE A 153 3.48 -0.43 -32.00
CA ILE A 153 4.01 -0.59 -30.66
C ILE A 153 3.58 -1.93 -30.07
N ILE A 154 4.53 -2.66 -29.51
CA ILE A 154 4.23 -3.96 -28.96
C ILE A 154 4.39 -4.01 -27.44
N GLY A 155 3.27 -4.18 -26.76
CA GLY A 155 3.25 -4.22 -25.30
C GLY A 155 2.34 -3.13 -24.74
N GLY A 156 1.65 -3.41 -23.63
CA GLY A 156 0.77 -2.41 -23.06
C GLY A 156 1.29 -1.76 -21.78
N GLY A 157 2.61 -1.65 -21.65
CA GLY A 157 3.22 -1.05 -20.47
C GLY A 157 3.27 0.46 -20.43
N TYR A 158 4.09 1.00 -19.53
CA TYR A 158 4.24 2.45 -19.39
C TYR A 158 5.00 2.92 -20.61
N ILE A 159 6.05 2.18 -20.94
CA ILE A 159 6.91 2.48 -22.08
C ILE A 159 6.07 2.46 -23.34
N GLY A 160 5.18 1.49 -23.46
CA GLY A 160 4.33 1.42 -24.63
C GLY A 160 3.42 2.64 -24.74
N ILE A 161 2.69 2.92 -23.67
CA ILE A 161 1.78 4.04 -23.65
C ILE A 161 2.48 5.37 -23.86
N GLU A 162 3.63 5.58 -23.23
CA GLU A 162 4.31 6.86 -23.42
C GLU A 162 4.77 7.02 -24.87
N MET A 163 5.22 5.91 -25.46
CA MET A 163 5.65 5.90 -26.85
C MET A 163 4.47 6.17 -27.79
N ALA A 164 3.29 5.66 -27.44
CA ALA A 164 2.13 5.91 -28.29
C ALA A 164 1.89 7.42 -28.28
N GLU A 165 1.75 8.00 -27.10
CA GLU A 165 1.52 9.44 -26.99
C GLU A 165 2.48 10.24 -27.89
N ALA A 166 3.71 9.73 -28.04
CA ALA A 166 4.70 10.38 -28.88
C ALA A 166 4.33 10.36 -30.37
N PHE A 167 4.43 9.19 -30.98
CA PHE A 167 4.12 9.04 -32.39
C PHE A 167 2.71 9.54 -32.74
N ALA A 168 1.80 9.46 -31.78
CA ALA A 168 0.44 9.93 -32.03
C ALA A 168 0.46 11.45 -32.16
N ALA A 169 1.32 12.09 -31.38
CA ALA A 169 1.44 13.54 -31.41
C ALA A 169 2.28 13.95 -32.61
N GLN A 170 2.85 12.98 -33.30
CA GLN A 170 3.67 13.24 -34.47
C GLN A 170 2.77 13.31 -35.69
N GLY A 171 1.50 12.97 -35.51
CA GLY A 171 0.58 12.97 -36.63
C GLY A 171 0.66 11.59 -37.26
N LYS A 172 1.68 10.83 -36.86
CA LYS A 172 1.84 9.48 -37.38
C LYS A 172 0.68 8.63 -36.90
N ASN A 173 0.39 7.57 -37.65
CA ASN A 173 -0.69 6.67 -37.28
C ASN A 173 -0.11 5.61 -36.36
N VAL A 174 -0.82 5.31 -35.28
CA VAL A 174 -0.32 4.34 -34.31
C VAL A 174 -1.27 3.17 -34.03
N THR A 175 -0.72 1.99 -33.91
CA THR A 175 -1.51 0.82 -33.59
C THR A 175 -0.75 0.15 -32.47
N MET A 176 -1.46 -0.14 -31.38
CA MET A 176 -0.85 -0.74 -30.21
C MET A 176 -1.34 -2.16 -30.06
N ILE A 177 -0.41 -3.06 -29.78
CA ILE A 177 -0.76 -4.46 -29.61
C ILE A 177 -0.45 -4.91 -28.19
N VAL A 178 -1.46 -5.42 -27.49
CA VAL A 178 -1.27 -5.92 -26.15
C VAL A 178 -1.95 -7.29 -26.07
N ARG A 179 -1.21 -8.28 -25.56
CA ARG A 179 -1.67 -9.66 -25.42
C ARG A 179 -2.64 -9.83 -24.27
N GLY A 180 -2.64 -8.85 -23.36
CA GLY A 180 -3.53 -8.91 -22.23
C GLY A 180 -4.89 -8.32 -22.57
N GLU A 181 -5.86 -8.46 -21.67
CA GLU A 181 -7.21 -7.96 -21.89
C GLU A 181 -7.33 -6.44 -21.84
N ARG A 182 -6.30 -5.79 -21.33
CA ARG A 182 -6.29 -4.34 -21.24
C ARG A 182 -4.87 -3.84 -20.96
N VAL A 183 -4.64 -2.56 -21.19
CA VAL A 183 -3.31 -2.00 -20.96
C VAL A 183 -3.04 -1.95 -19.47
N LEU A 184 -1.76 -1.97 -19.10
CA LEU A 184 -1.36 -1.92 -17.70
C LEU A 184 -2.06 -3.03 -16.92
N ARG A 185 -2.24 -4.15 -17.59
CA ARG A 185 -2.89 -5.36 -17.10
C ARG A 185 -2.47 -5.80 -15.69
N ARG A 186 -1.18 -5.64 -15.37
CA ARG A 186 -0.70 -6.06 -14.06
C ARG A 186 -0.41 -4.94 -13.05
N SER A 187 -0.44 -3.69 -13.51
CA SER A 187 -0.15 -2.54 -12.66
C SER A 187 -1.32 -1.79 -12.04
N PHE A 188 -2.46 -1.74 -12.73
CA PHE A 188 -3.61 -1.03 -12.22
C PHE A 188 -4.87 -1.90 -12.31
N ASP A 189 -5.87 -1.57 -11.50
CA ASP A 189 -7.13 -2.27 -11.50
C ASP A 189 -7.91 -1.82 -12.73
N LYS A 190 -8.82 -2.67 -13.20
CA LYS A 190 -9.63 -2.40 -14.37
C LYS A 190 -10.36 -1.06 -14.45
N GLU A 191 -11.05 -0.67 -13.37
CA GLU A 191 -11.78 0.59 -13.39
C GLU A 191 -10.91 1.82 -13.56
N VAL A 192 -9.62 1.68 -13.34
CA VAL A 192 -8.76 2.83 -13.50
C VAL A 192 -8.32 2.89 -14.95
N THR A 193 -7.84 1.77 -15.45
CA THR A 193 -7.37 1.71 -16.83
C THR A 193 -8.45 1.99 -17.88
N ASP A 194 -9.70 1.66 -17.58
CA ASP A 194 -10.77 1.90 -18.53
C ASP A 194 -10.87 3.37 -18.94
N ILE A 195 -10.67 4.26 -17.98
CA ILE A 195 -10.73 5.68 -18.28
C ILE A 195 -9.61 5.99 -19.27
N LEU A 196 -8.41 5.49 -18.99
CA LEU A 196 -7.28 5.70 -19.87
C LEU A 196 -7.56 5.12 -21.27
N GLU A 197 -7.91 3.84 -21.35
CA GLU A 197 -8.19 3.20 -22.63
C GLU A 197 -9.24 3.96 -23.45
N GLU A 198 -10.21 4.54 -22.75
CA GLU A 198 -11.25 5.30 -23.40
C GLU A 198 -10.59 6.41 -24.24
N LYS A 199 -9.67 7.16 -23.65
CA LYS A 199 -8.98 8.21 -24.38
C LYS A 199 -8.02 7.58 -25.38
N LEU A 200 -7.44 6.46 -24.97
CA LEU A 200 -6.48 5.76 -25.82
C LEU A 200 -7.08 5.25 -27.14
N LYS A 201 -8.26 4.66 -27.07
CA LYS A 201 -8.92 4.12 -28.26
C LYS A 201 -9.31 5.21 -29.26
N LYS A 202 -9.22 6.48 -28.85
CA LYS A 202 -9.59 7.56 -29.74
C LYS A 202 -8.44 8.22 -30.50
N HIS A 203 -7.22 7.74 -30.31
CA HIS A 203 -6.08 8.35 -31.00
C HIS A 203 -5.12 7.29 -31.49
N VAL A 204 -5.38 6.06 -31.10
CA VAL A 204 -4.53 4.94 -31.45
C VAL A 204 -5.43 3.74 -31.69
N ASN A 205 -4.98 2.82 -32.53
CA ASN A 205 -5.74 1.62 -32.85
C ASN A 205 -5.34 0.60 -31.80
N LEU A 206 -6.20 0.38 -30.79
CA LEU A 206 -5.87 -0.55 -29.72
C LEU A 206 -6.29 -1.99 -29.99
N ARG A 207 -5.30 -2.86 -30.11
CA ARG A 207 -5.55 -4.27 -30.39
C ARG A 207 -5.26 -5.15 -29.17
N LEU A 208 -6.31 -5.49 -28.44
CA LEU A 208 -6.16 -6.30 -27.23
C LEU A 208 -6.25 -7.80 -27.50
N GLN A 209 -5.57 -8.56 -26.65
CA GLN A 209 -5.53 -10.01 -26.71
C GLN A 209 -4.96 -10.60 -27.98
N GLU A 210 -3.90 -9.96 -28.49
CA GLU A 210 -3.24 -10.43 -29.71
C GLU A 210 -1.76 -10.69 -29.47
N ILE A 211 -1.35 -11.94 -29.72
CA ILE A 211 0.04 -12.35 -29.56
C ILE A 211 0.81 -12.06 -30.84
N THR A 212 1.81 -11.17 -30.78
CA THR A 212 2.62 -10.87 -31.95
C THR A 212 3.38 -12.16 -32.31
N MET A 213 3.59 -12.40 -33.61
CA MET A 213 4.29 -13.60 -34.05
C MET A 213 5.41 -13.34 -35.05
N LYS A 214 5.22 -12.33 -35.89
CA LYS A 214 6.24 -12.01 -36.86
C LYS A 214 6.34 -10.54 -37.23
N ILE A 215 7.56 -10.09 -37.51
CA ILE A 215 7.82 -8.71 -37.93
C ILE A 215 8.64 -8.90 -39.21
N GLU A 216 8.04 -8.64 -40.38
CA GLU A 216 8.78 -8.81 -41.62
C GLU A 216 8.88 -7.61 -42.55
N GLY A 217 9.92 -7.67 -43.41
CA GLY A 217 10.19 -6.61 -44.36
C GLY A 217 11.47 -6.97 -45.12
N GLU A 218 11.71 -6.34 -46.27
CA GLU A 218 12.91 -6.66 -47.03
C GLU A 218 14.16 -6.37 -46.17
N GLU A 219 14.64 -5.13 -46.20
CA GLU A 219 15.80 -4.79 -45.38
C GLU A 219 15.33 -4.05 -44.11
N ARG A 220 14.26 -3.27 -44.26
CA ARG A 220 13.69 -2.52 -43.14
C ARG A 220 12.24 -2.97 -42.98
N VAL A 221 11.76 -2.92 -41.74
CA VAL A 221 10.40 -3.34 -41.38
C VAL A 221 9.31 -2.81 -42.31
N GLU A 222 8.46 -3.74 -42.78
CA GLU A 222 7.36 -3.37 -43.66
C GLU A 222 6.04 -3.58 -42.92
N LYS A 223 5.92 -4.74 -42.26
CA LYS A 223 4.69 -5.05 -41.53
C LYS A 223 4.89 -5.91 -40.27
N VAL A 224 3.81 -6.04 -39.49
CA VAL A 224 3.87 -6.86 -38.27
C VAL A 224 2.69 -7.83 -38.36
N VAL A 225 2.94 -9.10 -38.04
CA VAL A 225 1.87 -10.09 -38.12
C VAL A 225 1.60 -10.69 -36.75
N THR A 226 0.32 -10.75 -36.42
CA THR A 226 -0.13 -11.28 -35.14
C THR A 226 -1.12 -12.41 -35.37
N ASP A 227 -1.33 -13.20 -34.33
CA ASP A 227 -2.26 -14.32 -34.36
C ASP A 227 -3.72 -13.89 -34.62
N ALA A 228 -3.93 -12.62 -34.93
CA ALA A 228 -5.30 -12.16 -35.20
C ALA A 228 -5.37 -11.39 -36.52
N GLY A 229 -4.21 -11.04 -37.05
CA GLY A 229 -4.16 -10.30 -38.29
C GLY A 229 -2.78 -9.82 -38.63
N GLU A 230 -2.70 -8.73 -39.38
CA GLU A 230 -1.43 -8.16 -39.79
C GLU A 230 -1.57 -6.65 -39.91
N TYR A 231 -0.51 -5.92 -39.56
CA TYR A 231 -0.53 -4.46 -39.60
C TYR A 231 0.69 -3.93 -40.36
N LYS A 232 0.57 -2.75 -40.98
CA LYS A 232 1.72 -2.21 -41.73
C LYS A 232 2.53 -1.25 -40.87
N ALA A 233 3.84 -1.35 -40.97
CA ALA A 233 4.73 -0.51 -40.17
C ALA A 233 6.05 -0.14 -40.83
N GLU A 234 6.44 1.11 -40.64
CA GLU A 234 7.69 1.64 -41.17
C GLU A 234 8.66 1.67 -40.00
N LEU A 235 8.09 1.65 -38.80
CA LEU A 235 8.84 1.75 -37.57
C LEU A 235 8.06 1.01 -36.48
N VAL A 236 8.74 0.15 -35.73
CA VAL A 236 8.06 -0.57 -34.65
C VAL A 236 8.80 -0.49 -33.31
N ILE A 237 8.01 -0.27 -32.24
CA ILE A 237 8.57 -0.17 -30.89
C ILE A 237 8.29 -1.41 -30.03
N LEU A 238 9.37 -2.05 -29.58
CA LEU A 238 9.32 -3.22 -28.72
C LEU A 238 9.38 -2.72 -27.28
N ALA A 239 8.22 -2.58 -26.67
CA ALA A 239 8.12 -2.13 -25.28
C ALA A 239 7.44 -3.30 -24.58
N THR A 240 8.13 -4.42 -24.54
CA THR A 240 7.56 -5.63 -23.97
C THR A 240 8.14 -6.09 -22.64
N GLY A 241 9.11 -5.37 -22.12
CA GLY A 241 9.66 -5.81 -20.86
C GLY A 241 11.08 -5.37 -20.61
N ILE A 242 11.42 -5.34 -19.34
CA ILE A 242 12.74 -4.94 -18.90
C ILE A 242 13.25 -6.13 -18.10
N LYS A 243 14.57 -6.23 -17.92
CA LYS A 243 15.15 -7.36 -17.18
C LYS A 243 16.44 -6.97 -16.46
N PRO A 244 16.60 -7.43 -15.21
CA PRO A 244 17.82 -7.08 -14.47
C PRO A 244 19.08 -7.68 -15.11
N ASN A 245 20.15 -6.90 -15.15
CA ASN A 245 21.42 -7.36 -15.72
C ASN A 245 22.24 -8.00 -14.59
N ILE A 246 21.80 -9.18 -14.15
CA ILE A 246 22.43 -9.91 -13.05
C ILE A 246 23.52 -10.88 -13.46
N GLU A 247 23.93 -10.87 -14.72
CA GLU A 247 24.93 -11.79 -15.20
C GLU A 247 26.33 -11.69 -14.58
N LEU A 248 26.81 -10.46 -14.42
CA LEU A 248 28.13 -10.27 -13.86
C LEU A 248 28.11 -10.55 -12.35
N ALA A 249 26.94 -10.39 -11.75
CA ALA A 249 26.77 -10.64 -10.33
C ALA A 249 26.70 -12.14 -10.09
N LYS A 250 25.98 -12.84 -10.96
CA LYS A 250 25.86 -14.30 -10.82
C LYS A 250 27.26 -14.91 -10.86
N GLN A 251 28.11 -14.29 -11.66
CA GLN A 251 29.49 -14.75 -11.83
C GLN A 251 30.25 -14.73 -10.52
N LEU A 252 29.92 -13.77 -9.67
CA LEU A 252 30.56 -13.60 -8.38
C LEU A 252 29.86 -14.36 -7.25
N GLY A 253 28.82 -15.13 -7.59
CA GLY A 253 28.12 -15.88 -6.57
C GLY A 253 27.15 -15.06 -5.74
N VAL A 254 26.84 -13.87 -6.22
CA VAL A 254 25.92 -12.97 -5.55
C VAL A 254 24.52 -13.57 -5.60
N ARG A 255 23.91 -13.71 -4.43
CA ARG A 255 22.56 -14.27 -4.30
C ARG A 255 21.54 -13.40 -5.02
N ILE A 256 20.88 -13.94 -6.05
CA ILE A 256 19.90 -13.15 -6.76
C ILE A 256 18.49 -13.52 -6.27
N GLY A 257 17.69 -12.48 -6.08
CA GLY A 257 16.35 -12.60 -5.54
C GLY A 257 15.29 -13.42 -6.22
N GLU A 258 14.24 -13.69 -5.46
CA GLU A 258 13.14 -14.47 -5.94
C GLU A 258 12.40 -13.68 -7.03
N THR A 259 12.74 -12.39 -7.18
CA THR A 259 12.10 -11.57 -8.20
C THR A 259 12.95 -11.56 -9.44
N GLY A 260 14.18 -12.06 -9.33
CA GLY A 260 15.05 -12.08 -10.48
C GLY A 260 16.13 -11.03 -10.41
N ALA A 261 15.95 -10.05 -9.53
CA ALA A 261 16.95 -9.00 -9.35
C ALA A 261 17.81 -9.35 -8.14
N ILE A 262 18.94 -8.67 -8.00
CA ILE A 262 19.86 -8.94 -6.91
C ILE A 262 19.23 -8.78 -5.51
N TRP A 263 19.48 -9.76 -4.63
CA TRP A 263 18.95 -9.72 -3.27
C TRP A 263 19.66 -8.61 -2.51
N THR A 264 18.93 -7.93 -1.63
CA THR A 264 19.50 -6.82 -0.89
C THR A 264 18.90 -6.63 0.51
N ASN A 265 19.60 -5.92 1.39
CA ASN A 265 19.05 -5.64 2.72
C ASN A 265 18.84 -4.14 2.83
N GLU A 266 18.41 -3.65 3.99
CA GLU A 266 18.18 -2.22 4.16
C GLU A 266 19.36 -1.32 3.80
N LYS A 267 20.56 -1.83 3.96
CA LYS A 267 21.75 -1.04 3.66
C LYS A 267 22.27 -1.25 2.24
N MET A 268 21.48 -1.93 1.42
CA MET A 268 21.78 -2.23 0.03
C MET A 268 22.94 -3.20 -0.16
N GLN A 269 23.17 -4.02 0.86
CA GLN A 269 24.24 -5.01 0.85
C GLN A 269 23.74 -6.31 0.21
N THR A 270 24.61 -6.98 -0.54
CA THR A 270 24.24 -8.24 -1.19
C THR A 270 24.68 -9.38 -0.27
N SER A 271 24.58 -10.61 -0.76
CA SER A 271 24.97 -11.76 0.02
C SER A 271 26.48 -11.88 0.10
N VAL A 272 27.19 -11.13 -0.74
CA VAL A 272 28.64 -11.16 -0.75
C VAL A 272 29.20 -9.97 0.00
N GLU A 273 30.14 -10.24 0.88
CA GLU A 273 30.77 -9.24 1.71
C GLU A 273 31.33 -8.06 0.94
N ASN A 274 31.02 -6.88 1.42
CA ASN A 274 31.49 -5.65 0.84
C ASN A 274 31.02 -5.44 -0.58
N VAL A 275 30.00 -6.18 -0.98
CA VAL A 275 29.43 -6.01 -2.32
C VAL A 275 28.01 -5.49 -2.13
N TYR A 276 27.73 -4.33 -2.70
CA TYR A 276 26.44 -3.70 -2.62
C TYR A 276 25.76 -3.72 -3.99
N ALA A 277 24.51 -3.29 -4.04
CA ALA A 277 23.78 -3.24 -5.30
C ALA A 277 22.70 -2.19 -5.15
N ALA A 278 22.45 -1.43 -6.21
CA ALA A 278 21.43 -0.39 -6.19
C ALA A 278 20.91 -0.10 -7.60
N GLY A 279 19.66 0.33 -7.69
CA GLY A 279 19.09 0.63 -8.99
C GLY A 279 18.30 -0.51 -9.60
N ASP A 280 18.13 -0.47 -10.91
CA ASP A 280 17.36 -1.49 -11.59
C ASP A 280 17.86 -2.93 -11.50
N VAL A 281 19.04 -3.15 -10.92
CA VAL A 281 19.56 -4.51 -10.75
C VAL A 281 19.13 -5.06 -9.40
N ALA A 282 18.96 -4.15 -8.45
CA ALA A 282 18.61 -4.50 -7.10
C ALA A 282 17.14 -4.74 -6.80
N GLU A 283 16.90 -5.77 -6.01
CA GLU A 283 15.57 -6.11 -5.57
C GLU A 283 15.42 -5.49 -4.18
N THR A 284 14.39 -4.66 -4.02
CA THR A 284 14.14 -3.98 -2.76
C THR A 284 12.95 -4.64 -2.07
N ARG A 285 12.42 -4.02 -1.02
CA ARG A 285 11.27 -4.59 -0.33
C ARG A 285 10.13 -3.62 -0.28
N HIS A 286 8.91 -4.16 -0.28
CA HIS A 286 7.70 -3.36 -0.26
C HIS A 286 7.38 -2.92 1.18
N VAL A 287 7.27 -1.61 1.35
CA VAL A 287 6.98 -1.01 2.65
C VAL A 287 5.70 -1.50 3.30
N ILE A 288 4.66 -1.70 2.52
CA ILE A 288 3.38 -2.16 3.04
C ILE A 288 3.34 -3.66 3.26
N THR A 289 3.89 -4.40 2.31
CA THR A 289 3.88 -5.85 2.39
C THR A 289 5.04 -6.50 3.13
N GLY A 290 6.25 -6.04 2.84
CA GLY A 290 7.42 -6.59 3.50
C GLY A 290 8.03 -7.66 2.64
N ARG A 291 7.32 -8.05 1.58
CA ARG A 291 7.79 -9.06 0.66
C ARG A 291 8.83 -8.39 -0.27
N ARG A 292 9.68 -9.18 -0.90
CA ARG A 292 10.70 -8.63 -1.81
C ARG A 292 10.06 -8.34 -3.16
N VAL A 293 10.35 -7.18 -3.70
CA VAL A 293 9.81 -6.77 -4.98
C VAL A 293 10.86 -6.15 -5.87
N TRP A 294 10.52 -5.99 -7.15
CA TRP A 294 11.42 -5.39 -8.09
C TRP A 294 10.67 -4.20 -8.67
N VAL A 295 11.08 -3.00 -8.26
CA VAL A 295 10.45 -1.77 -8.72
C VAL A 295 11.45 -0.82 -9.38
N PRO A 296 11.90 -1.15 -10.60
CA PRO A 296 12.86 -0.29 -11.30
C PRO A 296 12.39 1.11 -11.69
N LEU A 297 12.54 2.06 -10.76
CA LEU A 297 12.19 3.45 -10.99
C LEU A 297 13.33 4.38 -10.59
N ALA A 298 13.41 5.54 -11.24
CA ALA A 298 14.49 6.50 -11.02
C ALA A 298 14.72 7.08 -9.62
N PRO A 299 13.66 7.52 -8.93
CA PRO A 299 13.86 8.10 -7.60
C PRO A 299 14.43 7.10 -6.61
N ALA A 300 13.80 5.94 -6.54
CA ALA A 300 14.22 4.89 -5.64
C ALA A 300 15.67 4.53 -5.91
N GLY A 301 16.01 4.41 -7.19
CA GLY A 301 17.35 4.06 -7.61
C GLY A 301 18.42 5.00 -7.09
N ASN A 302 18.18 6.29 -7.26
CA ASN A 302 19.11 7.31 -6.77
C ASN A 302 19.32 7.20 -5.27
N LYS A 303 18.27 6.87 -4.54
CA LYS A 303 18.34 6.72 -3.09
C LYS A 303 19.03 5.41 -2.69
N MET A 304 18.79 4.35 -3.45
CA MET A 304 19.42 3.06 -3.16
C MET A 304 20.91 3.31 -3.25
N GLY A 305 21.31 3.96 -4.35
CA GLY A 305 22.71 4.27 -4.56
C GLY A 305 23.29 5.15 -3.47
N TYR A 306 22.48 6.11 -3.00
CA TYR A 306 22.89 7.02 -1.94
C TYR A 306 23.19 6.27 -0.63
N VAL A 307 22.34 5.32 -0.27
CA VAL A 307 22.60 4.63 0.98
C VAL A 307 23.71 3.61 0.86
N ALA A 308 23.91 3.09 -0.35
CA ALA A 308 24.98 2.13 -0.59
C ALA A 308 26.28 2.83 -0.26
N GLY A 309 26.44 4.03 -0.83
CA GLY A 309 27.64 4.81 -0.59
C GLY A 309 27.81 5.09 0.89
N SER A 310 26.83 5.77 1.48
CA SER A 310 26.89 6.11 2.90
C SER A 310 27.37 4.97 3.77
N ASN A 311 26.91 3.76 3.46
CA ASN A 311 27.31 2.59 4.21
C ASN A 311 28.74 2.14 3.92
N ILE A 312 29.16 2.24 2.67
CA ILE A 312 30.51 1.87 2.35
C ILE A 312 31.45 2.81 3.10
N ALA A 313 31.07 4.08 3.17
CA ALA A 313 31.84 5.12 3.85
C ALA A 313 31.85 5.03 5.35
N GLY A 314 31.09 4.09 5.92
CA GLY A 314 31.07 3.94 7.36
C GLY A 314 29.91 4.63 8.08
N LYS A 315 28.95 5.13 7.31
CA LYS A 315 27.78 5.79 7.86
C LYS A 315 26.54 4.90 7.73
N GLU A 316 26.07 4.35 8.84
CA GLU A 316 24.90 3.47 8.81
C GLU A 316 23.62 4.16 8.37
N LEU A 317 23.02 3.68 7.28
CA LEU A 317 21.79 4.26 6.78
C LEU A 317 20.95 3.12 6.22
N HIS A 318 19.65 3.18 6.46
CA HIS A 318 18.75 2.15 5.99
C HIS A 318 17.69 2.67 5.01
N PHE A 319 17.52 1.93 3.91
CA PHE A 319 16.52 2.25 2.90
C PHE A 319 15.30 1.47 3.39
N PRO A 320 14.18 2.15 3.63
CA PRO A 320 12.98 1.47 4.13
C PRO A 320 12.24 0.62 3.11
N GLY A 321 12.60 0.77 1.84
CA GLY A 321 11.94 0.02 0.81
C GLY A 321 11.04 0.96 0.01
N VAL A 322 10.26 0.39 -0.90
CA VAL A 322 9.39 1.19 -1.74
C VAL A 322 7.91 0.88 -1.59
N LEU A 323 7.11 1.74 -2.20
CA LEU A 323 5.65 1.62 -2.16
C LEU A 323 5.11 1.16 -3.51
N GLY A 324 5.90 1.38 -4.56
CA GLY A 324 5.48 1.03 -5.89
C GLY A 324 4.83 2.22 -6.55
N THR A 325 5.20 3.40 -6.07
CA THR A 325 4.65 4.64 -6.60
C THR A 325 4.99 4.80 -8.07
N ALA A 326 3.95 4.93 -8.87
CA ALA A 326 4.13 5.07 -10.31
C ALA A 326 3.20 6.15 -10.87
N VAL A 327 3.67 6.86 -11.89
CA VAL A 327 2.87 7.88 -12.52
C VAL A 327 3.16 7.93 -14.03
N THR A 328 2.13 8.21 -14.80
CA THR A 328 2.30 8.33 -16.24
C THR A 328 1.08 8.99 -16.88
N LYS A 329 1.10 9.19 -18.19
CA LYS A 329 -0.06 9.82 -18.81
C LYS A 329 -0.12 9.62 -20.30
N PHE A 330 -1.35 9.63 -20.82
CA PHE A 330 -1.59 9.54 -22.25
C PHE A 330 -2.28 10.85 -22.58
N MET A 331 -1.57 11.71 -23.29
CA MET A 331 -2.09 13.02 -23.66
C MET A 331 -2.55 13.78 -22.41
N ASP A 332 -3.84 14.03 -22.27
CA ASP A 332 -4.32 14.78 -21.11
C ASP A 332 -4.93 13.94 -19.97
N VAL A 333 -4.88 12.62 -20.09
CA VAL A 333 -5.42 11.77 -19.03
C VAL A 333 -4.26 11.11 -18.30
N GLU A 334 -3.95 11.65 -17.13
CA GLU A 334 -2.87 11.15 -16.28
C GLU A 334 -3.34 9.95 -15.46
N ILE A 335 -2.44 9.01 -15.19
CA ILE A 335 -2.79 7.84 -14.39
C ILE A 335 -1.66 7.47 -13.44
N GLY A 336 -2.00 7.34 -12.16
CA GLY A 336 -0.98 6.99 -11.20
C GLY A 336 -1.45 6.15 -10.04
N LYS A 337 -0.49 5.68 -9.25
CA LYS A 337 -0.82 4.86 -8.11
C LYS A 337 0.28 4.90 -7.06
N THR A 338 -0.01 4.30 -5.92
CA THR A 338 0.93 4.17 -4.84
C THR A 338 0.32 3.12 -3.95
N GLY A 339 1.15 2.19 -3.48
CA GLY A 339 0.66 1.13 -2.63
C GLY A 339 0.03 0.00 -3.41
N LEU A 340 -0.61 -0.92 -2.70
CA LEU A 340 -1.23 -2.06 -3.32
C LEU A 340 -2.44 -1.78 -4.15
N THR A 341 -2.65 -2.66 -5.11
CA THR A 341 -3.78 -2.59 -6.02
C THR A 341 -4.76 -3.61 -5.45
N GLU A 342 -6.05 -3.51 -5.76
CA GLU A 342 -6.99 -4.50 -5.22
C GLU A 342 -6.57 -5.94 -5.56
N MET A 343 -6.01 -6.13 -6.76
CA MET A 343 -5.55 -7.45 -7.20
C MET A 343 -4.45 -7.92 -6.24
N GLU A 344 -3.43 -7.07 -6.08
CA GLU A 344 -2.32 -7.36 -5.20
C GLU A 344 -2.78 -7.62 -3.77
N ALA A 345 -3.63 -6.75 -3.24
CA ALA A 345 -4.11 -6.92 -1.89
C ALA A 345 -4.78 -8.28 -1.68
N LEU A 346 -5.69 -8.65 -2.58
CA LEU A 346 -6.37 -9.95 -2.48
C LEU A 346 -5.35 -11.05 -2.63
N LYS A 347 -4.37 -10.80 -3.49
CA LYS A 347 -3.31 -11.75 -3.76
C LYS A 347 -2.51 -12.02 -2.50
N GLU A 348 -2.42 -11.02 -1.63
CA GLU A 348 -1.67 -11.12 -0.36
C GLU A 348 -2.49 -11.63 0.82
N GLY A 349 -3.73 -12.06 0.59
CA GLY A 349 -4.55 -12.58 1.67
C GLY A 349 -5.29 -11.58 2.54
N TYR A 350 -5.22 -10.30 2.17
CA TYR A 350 -5.89 -9.23 2.90
C TYR A 350 -7.42 -9.31 2.81
N ASP A 351 -8.07 -8.88 3.87
CA ASP A 351 -9.52 -8.79 3.97
C ASP A 351 -9.71 -7.35 3.47
N VAL A 352 -10.22 -7.17 2.26
CA VAL A 352 -10.34 -5.81 1.74
C VAL A 352 -11.71 -5.26 1.39
N ARG A 353 -11.82 -3.95 1.48
CA ARG A 353 -13.03 -3.23 1.09
C ARG A 353 -12.44 -2.09 0.27
N THR A 354 -13.05 -1.81 -0.87
CA THR A 354 -12.57 -0.76 -1.76
C THR A 354 -13.65 0.28 -1.96
N ALA A 355 -13.32 1.29 -2.76
CA ALA A 355 -14.25 2.35 -3.09
C ALA A 355 -13.68 3.04 -4.31
N PHE A 356 -14.53 3.42 -5.25
CA PHE A 356 -14.09 4.12 -6.47
C PHE A 356 -14.99 5.33 -6.60
N ILE A 357 -14.38 6.51 -6.65
CA ILE A 357 -15.15 7.73 -6.75
C ILE A 357 -14.74 8.65 -7.89
N LYS A 358 -15.66 9.52 -8.28
CA LYS A 358 -15.38 10.47 -9.34
C LYS A 358 -15.49 11.83 -8.70
N ALA A 359 -14.65 12.77 -9.12
CA ALA A 359 -14.65 14.10 -8.56
C ALA A 359 -14.13 15.16 -9.50
N SER A 360 -14.16 16.40 -9.05
CA SER A 360 -13.68 17.51 -9.84
C SER A 360 -12.39 18.01 -9.22
N THR A 361 -11.53 18.54 -10.09
CA THR A 361 -10.23 19.05 -9.74
C THR A 361 -10.30 20.48 -9.18
N ARG A 362 -11.47 21.10 -9.30
CA ARG A 362 -11.71 22.47 -8.86
C ARG A 362 -13.12 22.47 -8.29
N PRO A 363 -13.56 23.59 -7.70
CA PRO A 363 -14.93 23.63 -7.17
C PRO A 363 -15.82 23.55 -8.40
N HIS A 364 -17.00 22.93 -8.32
CA HIS A 364 -17.83 22.84 -9.52
C HIS A 364 -18.67 24.07 -9.78
N TYR A 365 -17.95 25.18 -9.94
CA TYR A 365 -18.50 26.48 -10.26
C TYR A 365 -17.30 27.19 -10.88
N TYR A 366 -16.12 26.89 -10.35
CA TYR A 366 -14.86 27.47 -10.82
C TYR A 366 -14.50 26.97 -12.24
N PRO A 367 -13.94 27.85 -13.07
CA PRO A 367 -13.54 27.48 -14.43
C PRO A 367 -12.23 26.72 -14.50
N GLY A 368 -12.20 25.67 -15.31
CA GLY A 368 -10.97 24.88 -15.44
C GLY A 368 -11.03 23.51 -14.81
N GLY A 369 -12.08 23.26 -14.03
CA GLY A 369 -12.23 21.99 -13.35
C GLY A 369 -12.30 20.79 -14.28
N ARG A 370 -11.37 19.85 -14.09
CA ARG A 370 -11.32 18.63 -14.89
C ARG A 370 -11.74 17.46 -14.01
N GLU A 371 -12.06 16.34 -14.63
CA GLU A 371 -12.48 15.17 -13.87
C GLU A 371 -11.31 14.40 -13.31
N ILE A 372 -11.51 13.81 -12.13
CA ILE A 372 -10.48 13.01 -11.45
C ILE A 372 -11.13 11.81 -10.78
N TRP A 373 -10.55 10.64 -10.97
CA TRP A 373 -11.06 9.41 -10.39
C TRP A 373 -10.09 8.80 -9.40
N LEU A 374 -10.61 8.25 -8.30
CA LEU A 374 -9.78 7.62 -7.28
C LEU A 374 -10.31 6.27 -6.84
N LYS A 375 -9.42 5.29 -6.76
CA LYS A 375 -9.74 3.93 -6.32
C LYS A 375 -8.89 3.72 -5.05
N GLY A 376 -9.52 3.28 -3.97
CA GLY A 376 -8.77 3.07 -2.75
C GLY A 376 -8.93 1.67 -2.23
N VAL A 377 -7.85 1.11 -1.70
CA VAL A 377 -7.89 -0.26 -1.15
C VAL A 377 -7.68 -0.12 0.36
N VAL A 378 -8.36 -0.94 1.14
CA VAL A 378 -8.24 -0.85 2.59
C VAL A 378 -8.28 -2.20 3.28
N ASP A 379 -7.50 -2.30 4.35
CA ASP A 379 -7.43 -3.52 5.16
C ASP A 379 -8.64 -3.42 6.08
N ASN A 380 -9.61 -4.29 5.85
CA ASN A 380 -10.82 -4.29 6.62
C ASN A 380 -10.63 -4.57 8.11
N GLU A 381 -9.47 -5.08 8.49
CA GLU A 381 -9.18 -5.40 9.88
C GLU A 381 -8.45 -4.33 10.65
N THR A 382 -7.63 -3.55 9.96
CA THR A 382 -6.86 -2.51 10.61
C THR A 382 -7.34 -1.13 10.19
N ASN A 383 -8.15 -1.10 9.14
CA ASN A 383 -8.67 0.14 8.58
C ASN A 383 -7.56 0.98 8.01
N ARG A 384 -6.45 0.31 7.77
CA ARG A 384 -5.28 0.94 7.23
C ARG A 384 -5.35 0.94 5.71
N LEU A 385 -5.01 2.08 5.13
CA LEU A 385 -5.02 2.26 3.68
C LEU A 385 -3.90 1.41 3.07
N LEU A 386 -4.24 0.61 2.07
CA LEU A 386 -3.25 -0.24 1.44
C LEU A 386 -2.78 0.29 0.10
N GLY A 387 -3.60 1.09 -0.55
CA GLY A 387 -3.21 1.64 -1.83
C GLY A 387 -4.20 2.60 -2.45
N VAL A 388 -3.70 3.45 -3.35
CA VAL A 388 -4.54 4.42 -4.03
C VAL A 388 -4.12 4.56 -5.49
N GLN A 389 -5.09 4.42 -6.39
CA GLN A 389 -4.86 4.56 -7.83
C GLN A 389 -5.65 5.78 -8.29
N VAL A 390 -5.00 6.70 -8.99
CA VAL A 390 -5.69 7.89 -9.43
C VAL A 390 -5.58 8.06 -10.94
N VAL A 391 -6.66 8.48 -11.56
CA VAL A 391 -6.69 8.68 -12.99
C VAL A 391 -7.50 9.91 -13.40
N GLY A 392 -7.02 10.61 -14.42
CA GLY A 392 -7.69 11.79 -14.90
C GLY A 392 -6.77 12.99 -15.00
N SER A 393 -7.15 14.07 -14.35
CA SER A 393 -6.37 15.27 -14.38
C SER A 393 -5.91 15.69 -12.97
N ASP A 394 -4.78 16.38 -12.89
CA ASP A 394 -4.25 16.87 -11.62
C ASP A 394 -4.06 15.75 -10.60
N ILE A 395 -3.38 14.70 -11.05
CA ILE A 395 -3.10 13.50 -10.31
C ILE A 395 -2.04 13.62 -9.21
N LEU A 396 -0.87 14.15 -9.57
CA LEU A 396 0.25 14.28 -8.66
C LEU A 396 -0.02 14.61 -7.18
N PRO A 397 -0.77 15.68 -6.91
CA PRO A 397 -1.04 16.00 -5.50
C PRO A 397 -1.66 14.85 -4.69
N ARG A 398 -2.56 14.09 -5.33
CA ARG A 398 -3.20 13.01 -4.61
C ARG A 398 -2.32 11.79 -4.37
N ILE A 399 -1.67 11.29 -5.39
CA ILE A 399 -0.87 10.10 -5.17
C ILE A 399 0.36 10.38 -4.33
N ASP A 400 0.88 11.60 -4.37
CA ASP A 400 2.05 11.95 -3.56
C ASP A 400 1.67 12.07 -2.08
N THR A 401 0.50 12.65 -1.81
CA THR A 401 0.01 12.81 -0.46
C THR A 401 -0.29 11.42 0.07
N ALA A 402 -0.97 10.62 -0.75
CA ALA A 402 -1.33 9.27 -0.36
C ALA A 402 -0.08 8.42 -0.12
N ALA A 403 0.99 8.72 -0.84
CA ALA A 403 2.25 7.99 -0.67
C ALA A 403 2.76 8.18 0.75
N ALA A 404 2.75 9.43 1.20
CA ALA A 404 3.20 9.75 2.54
C ALA A 404 2.29 9.09 3.59
N MET A 405 0.98 9.10 3.35
CA MET A 405 0.02 8.49 4.26
C MET A 405 0.29 6.98 4.36
N LEU A 406 0.51 6.38 3.20
CA LEU A 406 0.80 4.95 3.13
C LEU A 406 2.13 4.64 3.80
N MET A 407 3.10 5.52 3.59
CA MET A 407 4.44 5.37 4.12
C MET A 407 4.41 5.42 5.65
N ALA A 408 3.38 6.03 6.20
CA ALA A 408 3.26 6.20 7.65
C ALA A 408 2.27 5.27 8.34
N GLY A 409 1.57 4.44 7.58
CA GLY A 409 0.61 3.53 8.19
C GLY A 409 -0.69 4.19 8.62
N PHE A 410 -1.17 5.11 7.80
CA PHE A 410 -2.41 5.84 8.07
C PHE A 410 -3.67 4.99 7.88
N THR A 411 -4.66 5.26 8.73
CA THR A 411 -5.94 4.58 8.62
C THR A 411 -6.84 5.46 7.79
N THR A 412 -8.01 4.91 7.47
CA THR A 412 -9.00 5.59 6.68
C THR A 412 -9.36 6.88 7.42
N LYS A 413 -9.34 6.81 8.74
CA LYS A 413 -9.67 7.96 9.56
C LYS A 413 -8.51 8.95 9.61
N ASP A 414 -7.28 8.47 9.70
CA ASP A 414 -6.12 9.37 9.73
C ASP A 414 -6.06 10.22 8.48
N ALA A 415 -6.36 9.59 7.35
CA ALA A 415 -6.33 10.24 6.05
C ALA A 415 -7.42 11.30 5.96
N PHE A 416 -8.59 10.96 6.49
CA PHE A 416 -9.72 11.87 6.48
C PHE A 416 -9.40 13.20 7.14
N PHE A 417 -8.71 13.15 8.27
CA PHE A 417 -8.39 14.34 9.05
C PHE A 417 -7.08 15.04 8.75
N THR A 418 -6.44 14.72 7.63
CA THR A 418 -5.19 15.38 7.31
C THR A 418 -5.54 16.77 6.78
N ASP A 419 -4.84 17.78 7.28
CA ASP A 419 -5.09 19.16 6.91
C ASP A 419 -4.59 19.52 5.51
N LEU A 420 -5.33 19.10 4.47
CA LEU A 420 -4.94 19.42 3.10
C LEU A 420 -5.35 20.84 2.74
N ALA A 421 -4.61 21.46 1.82
CA ALA A 421 -4.86 22.84 1.41
C ALA A 421 -6.11 23.07 0.54
N TYR A 422 -6.65 24.29 0.60
CA TYR A 422 -7.83 24.67 -0.19
C TYR A 422 -7.91 26.17 -0.52
N ALA A 423 -8.28 26.42 -1.76
CA ALA A 423 -8.47 27.74 -2.37
C ALA A 423 -9.05 27.36 -3.73
N PRO A 424 -10.00 28.15 -4.25
CA PRO A 424 -10.60 27.80 -5.55
C PRO A 424 -9.65 27.54 -6.71
N PRO A 425 -8.52 28.25 -6.80
CA PRO A 425 -7.62 27.98 -7.92
C PRO A 425 -6.85 26.63 -7.83
N PHE A 426 -6.72 26.09 -6.63
CA PHE A 426 -5.96 24.85 -6.44
C PHE A 426 -6.75 23.54 -6.29
N ALA A 427 -7.87 23.58 -5.56
CA ALA A 427 -8.65 22.36 -5.34
C ALA A 427 -10.04 22.64 -4.76
N PRO A 428 -10.89 21.61 -4.65
CA PRO A 428 -12.22 21.84 -4.08
C PRO A 428 -12.10 21.76 -2.56
N VAL A 429 -13.10 22.23 -1.82
CA VAL A 429 -13.03 22.19 -0.36
C VAL A 429 -12.65 20.82 0.16
N TRP A 430 -13.41 19.79 -0.23
CA TRP A 430 -13.09 18.44 0.17
C TRP A 430 -12.17 17.93 -0.92
N ASP A 431 -10.91 17.71 -0.61
CA ASP A 431 -10.00 17.22 -1.61
C ASP A 431 -10.50 15.86 -2.07
N PRO A 432 -10.25 15.50 -3.33
CA PRO A 432 -10.73 14.19 -3.78
C PRO A 432 -10.09 13.05 -2.99
N LEU A 433 -8.94 13.34 -2.38
CA LEU A 433 -8.28 12.32 -1.59
C LEU A 433 -9.03 12.19 -0.26
N ILE A 434 -9.50 13.31 0.27
CA ILE A 434 -10.26 13.28 1.51
C ILE A 434 -11.63 12.68 1.24
N VAL A 435 -12.15 12.88 0.03
CA VAL A 435 -13.44 12.32 -0.29
C VAL A 435 -13.33 10.81 -0.27
N LEU A 436 -12.27 10.29 -0.89
CA LEU A 436 -12.03 8.85 -0.91
C LEU A 436 -11.94 8.30 0.51
N ALA A 437 -11.18 8.98 1.36
CA ALA A 437 -11.00 8.58 2.76
C ALA A 437 -12.34 8.51 3.45
N ARG A 438 -13.13 9.54 3.26
CA ARG A 438 -14.45 9.64 3.87
C ARG A 438 -15.32 8.47 3.45
N VAL A 439 -15.32 8.17 2.15
CA VAL A 439 -16.13 7.08 1.64
C VAL A 439 -15.61 5.74 2.17
N LEU A 440 -14.28 5.62 2.28
CA LEU A 440 -13.65 4.40 2.82
C LEU A 440 -13.95 4.25 4.31
N LYS A 441 -13.85 5.34 5.04
CA LYS A 441 -14.10 5.35 6.48
C LYS A 441 -15.53 4.88 6.80
N GLU A 442 -16.50 5.49 6.13
CA GLU A 442 -17.91 5.15 6.34
C GLU A 442 -18.23 3.82 5.68
N GLY A 443 -17.24 3.28 4.96
CA GLY A 443 -17.41 2.00 4.27
C GLY A 443 -17.44 0.78 5.18
N SER B 2 -37.00 7.24 19.51
CA SER B 2 -37.17 8.58 20.17
C SER B 2 -36.84 9.75 19.22
N LEU B 3 -37.33 10.92 19.59
CA LEU B 3 -37.11 12.15 18.86
C LEU B 3 -36.02 12.84 19.66
N LYS B 4 -35.45 13.89 19.07
CA LYS B 4 -34.41 14.70 19.68
C LYS B 4 -34.32 15.89 18.75
N LYS B 5 -34.51 17.08 19.29
CA LYS B 5 -34.45 18.25 18.45
C LYS B 5 -33.02 18.79 18.43
N VAL B 6 -32.43 18.82 17.24
CA VAL B 6 -31.08 19.34 17.06
C VAL B 6 -31.19 20.65 16.29
N VAL B 7 -30.59 21.72 16.80
CA VAL B 7 -30.63 23.03 16.14
C VAL B 7 -29.26 23.57 15.79
N ILE B 8 -29.07 23.97 14.54
CA ILE B 8 -27.79 24.49 14.08
C ILE B 8 -27.83 25.95 13.67
N ILE B 9 -27.11 26.78 14.40
CA ILE B 9 -27.03 28.21 14.12
C ILE B 9 -25.82 28.39 13.21
N GLY B 10 -26.04 28.33 11.90
CA GLY B 10 -24.92 28.46 10.99
C GLY B 10 -25.30 28.50 9.54
N GLY B 11 -25.31 27.34 8.88
CA GLY B 11 -25.64 27.33 7.47
C GLY B 11 -24.44 27.25 6.54
N GLY B 12 -23.31 27.76 7.02
CA GLY B 12 -22.09 27.72 6.24
C GLY B 12 -21.50 26.33 6.18
N ALA B 13 -20.22 26.27 5.81
CA ALA B 13 -19.50 25.00 5.69
C ALA B 13 -19.71 24.05 6.85
N ALA B 14 -19.42 24.53 8.05
CA ALA B 14 -19.54 23.69 9.23
C ALA B 14 -20.97 23.34 9.61
N GLY B 15 -21.86 24.33 9.55
CA GLY B 15 -23.25 24.09 9.90
C GLY B 15 -23.90 22.96 9.12
N MET B 16 -23.76 23.01 7.80
CA MET B 16 -24.36 22.00 6.94
C MET B 16 -23.68 20.65 7.06
N SER B 17 -22.37 20.62 7.29
CA SER B 17 -21.71 19.33 7.43
C SER B 17 -22.28 18.65 8.67
N ALA B 18 -22.44 19.42 9.73
CA ALA B 18 -22.98 18.92 10.98
C ALA B 18 -24.38 18.39 10.74
N ALA B 19 -25.22 19.24 10.16
CA ALA B 19 -26.59 18.91 9.84
C ALA B 19 -26.72 17.57 9.13
N SER B 20 -25.96 17.43 8.05
CA SER B 20 -25.97 16.23 7.24
C SER B 20 -25.52 14.99 8.00
N ARG B 21 -24.49 15.12 8.82
CA ARG B 21 -24.01 13.96 9.56
C ARG B 21 -25.03 13.47 10.59
N VAL B 22 -25.64 14.38 11.34
CA VAL B 22 -26.60 13.98 12.34
C VAL B 22 -27.90 13.47 11.72
N LYS B 23 -28.24 13.98 10.54
CA LYS B 23 -29.45 13.51 9.89
C LYS B 23 -29.25 12.09 9.37
N ARG B 24 -28.15 11.87 8.66
CA ARG B 24 -27.87 10.54 8.13
C ARG B 24 -27.73 9.49 9.22
N LEU B 25 -27.29 9.90 10.40
CA LEU B 25 -27.13 8.98 11.52
C LEU B 25 -28.42 8.86 12.33
N LYS B 26 -29.26 9.89 12.27
CA LYS B 26 -30.53 9.89 12.98
C LYS B 26 -31.64 10.44 12.10
N PRO B 27 -32.10 9.63 11.13
CA PRO B 27 -33.17 10.05 10.22
C PRO B 27 -34.45 10.45 10.95
N GLU B 28 -34.70 9.77 12.07
CA GLU B 28 -35.89 10.04 12.87
C GLU B 28 -35.82 11.34 13.68
N TRP B 29 -34.63 11.93 13.78
CA TRP B 29 -34.45 13.18 14.53
C TRP B 29 -34.73 14.41 13.67
N ASP B 30 -35.23 15.45 14.31
CA ASP B 30 -35.55 16.71 13.64
C ASP B 30 -34.35 17.65 13.72
N VAL B 31 -33.67 17.80 12.58
CA VAL B 31 -32.49 18.64 12.50
C VAL B 31 -32.86 19.93 11.75
N LYS B 32 -32.54 21.08 12.34
CA LYS B 32 -32.84 22.38 11.73
C LYS B 32 -31.58 23.23 11.58
N VAL B 33 -31.60 24.12 10.59
CA VAL B 33 -30.49 25.03 10.34
C VAL B 33 -31.04 26.45 10.12
N PHE B 34 -30.51 27.42 10.86
CA PHE B 34 -30.96 28.80 10.77
C PHE B 34 -29.86 29.70 10.20
N GLU B 35 -29.96 30.06 8.92
CA GLU B 35 -28.98 30.95 8.31
C GLU B 35 -29.55 32.36 8.28
N ALA B 36 -28.84 33.30 8.91
CA ALA B 36 -29.29 34.69 8.95
C ALA B 36 -29.16 35.34 7.58
N THR B 37 -28.82 34.51 6.61
CA THR B 37 -28.58 35.02 5.27
C THR B 37 -29.30 34.30 4.14
N GLU B 38 -29.04 34.74 2.91
CA GLU B 38 -29.69 34.16 1.73
C GLU B 38 -28.90 32.98 1.16
N TRP B 39 -27.69 32.79 1.68
CA TRP B 39 -26.82 31.74 1.17
C TRP B 39 -26.60 30.54 2.09
N VAL B 40 -26.07 29.48 1.50
CA VAL B 40 -25.73 28.24 2.19
C VAL B 40 -24.44 27.72 1.55
N SER B 41 -23.68 26.89 2.25
CA SER B 41 -22.42 26.35 1.73
C SER B 41 -21.48 27.42 1.15
N GLU B 66 -30.94 27.13 -2.84
CA GLU B 66 -31.87 26.25 -3.55
C GLU B 66 -32.51 25.26 -2.55
N VAL B 67 -32.13 25.41 -1.28
CA VAL B 67 -32.61 24.59 -0.19
C VAL B 67 -33.04 23.15 -0.58
N PHE B 68 -32.24 22.51 -1.43
CA PHE B 68 -32.56 21.14 -1.85
C PHE B 68 -32.66 20.29 -0.57
N ILE B 69 -31.88 20.73 0.44
CA ILE B 69 -31.78 20.09 1.75
C ILE B 69 -33.12 19.58 2.33
N LYS B 70 -34.22 20.26 1.99
CA LYS B 70 -35.53 19.84 2.47
C LYS B 70 -35.69 18.36 2.15
N LYS B 71 -35.34 18.00 0.92
CA LYS B 71 -35.44 16.60 0.49
C LYS B 71 -34.39 15.77 1.23
N ARG B 72 -33.25 16.38 1.55
CA ARG B 72 -32.19 15.67 2.28
C ARG B 72 -32.70 15.26 3.68
N GLY B 73 -33.72 15.95 4.17
CA GLY B 73 -34.28 15.65 5.48
C GLY B 73 -33.92 16.67 6.54
N ILE B 74 -33.28 17.76 6.10
CA ILE B 74 -32.86 18.84 6.98
C ILE B 74 -33.85 19.99 6.83
N ASP B 75 -34.22 20.61 7.94
CA ASP B 75 -35.16 21.71 7.90
C ASP B 75 -34.44 23.05 7.87
N LEU B 76 -33.97 23.42 6.67
CA LEU B 76 -33.25 24.68 6.50
C LEU B 76 -34.18 25.89 6.48
N HIS B 77 -33.75 26.94 7.20
CA HIS B 77 -34.47 28.19 7.29
C HIS B 77 -33.48 29.27 6.88
N LEU B 78 -33.66 29.83 5.69
CA LEU B 78 -32.77 30.88 5.22
C LEU B 78 -33.33 32.23 5.65
N ASN B 79 -32.44 33.22 5.77
CA ASN B 79 -32.83 34.55 6.20
C ASN B 79 -33.63 34.45 7.48
N ALA B 80 -33.21 33.49 8.30
CA ALA B 80 -33.80 33.21 9.59
C ALA B 80 -32.68 33.54 10.56
N GLU B 81 -32.82 34.64 11.29
CA GLU B 81 -31.79 35.08 12.24
C GLU B 81 -32.04 34.74 13.71
N VAL B 82 -31.02 34.21 14.38
CA VAL B 82 -31.16 33.89 15.79
C VAL B 82 -30.79 35.14 16.56
N ILE B 83 -31.69 35.59 17.43
CA ILE B 83 -31.44 36.81 18.20
C ILE B 83 -31.41 36.61 19.73
N GLU B 84 -31.69 35.38 20.16
CA GLU B 84 -31.61 35.02 21.57
C GLU B 84 -31.53 33.52 21.72
N VAL B 85 -30.70 33.07 22.65
CA VAL B 85 -30.57 31.65 22.88
C VAL B 85 -30.38 31.43 24.35
N ASP B 86 -30.93 30.31 24.83
CA ASP B 86 -30.81 29.93 26.21
C ASP B 86 -30.93 28.42 26.19
N THR B 87 -30.61 27.78 27.31
CA THR B 87 -30.66 26.33 27.36
C THR B 87 -32.00 25.77 26.94
N GLY B 88 -31.97 24.82 26.00
CA GLY B 88 -33.17 24.20 25.50
C GLY B 88 -33.96 24.97 24.44
N TYR B 89 -33.70 26.26 24.30
CA TYR B 89 -34.45 27.04 23.31
C TYR B 89 -33.68 28.13 22.59
N VAL B 90 -34.29 28.64 21.53
CA VAL B 90 -33.69 29.70 20.76
C VAL B 90 -34.79 30.53 20.09
N ARG B 91 -34.56 31.81 19.95
CA ARG B 91 -35.54 32.69 19.32
C ARG B 91 -34.97 33.23 18.03
N VAL B 92 -35.70 33.01 16.94
CA VAL B 92 -35.28 33.45 15.63
C VAL B 92 -36.33 34.32 14.97
N ARG B 93 -35.88 35.36 14.28
CA ARG B 93 -36.77 36.25 13.57
C ARG B 93 -36.62 36.00 12.07
N GLU B 94 -37.66 35.44 11.48
CA GLU B 94 -37.68 35.13 10.06
C GLU B 94 -39.01 35.59 9.45
N ASN B 95 -38.93 36.25 8.31
CA ASN B 95 -40.13 36.73 7.63
C ASN B 95 -40.97 37.65 8.53
N GLY B 96 -40.34 38.65 9.14
CA GLY B 96 -41.06 39.55 10.00
C GLY B 96 -41.48 38.91 11.32
N GLY B 97 -41.95 37.67 11.24
CA GLY B 97 -42.37 36.93 12.42
C GLY B 97 -41.22 36.61 13.36
N GLU B 98 -41.58 36.24 14.59
CA GLU B 98 -40.60 35.91 15.61
C GLU B 98 -41.11 34.64 16.28
N LYS B 99 -40.42 33.53 16.06
CA LYS B 99 -40.81 32.24 16.63
C LYS B 99 -39.65 31.71 17.47
N SER B 100 -39.95 30.81 18.40
CA SER B 100 -38.93 30.25 19.28
C SER B 100 -38.92 28.74 19.17
N TYR B 101 -37.73 28.14 19.07
CA TYR B 101 -37.65 26.69 18.94
C TYR B 101 -36.93 26.02 20.08
N GLU B 102 -37.29 24.75 20.26
CA GLU B 102 -36.76 23.93 21.33
C GLU B 102 -35.59 23.08 20.82
N TRP B 103 -34.55 22.94 21.63
CA TRP B 103 -33.40 22.12 21.28
C TRP B 103 -32.79 21.30 22.42
N ASP B 104 -32.31 20.11 22.06
CA ASP B 104 -31.65 19.21 23.00
C ASP B 104 -30.15 19.36 22.78
N TYR B 105 -29.79 19.50 21.52
CA TYR B 105 -28.41 19.65 21.10
C TYR B 105 -28.36 20.91 20.24
N LEU B 106 -27.41 21.78 20.54
CA LEU B 106 -27.23 23.02 19.80
C LEU B 106 -25.83 23.06 19.21
N VAL B 107 -25.69 23.65 18.03
CA VAL B 107 -24.38 23.75 17.41
C VAL B 107 -24.11 25.16 16.91
N PHE B 108 -23.08 25.80 17.48
CA PHE B 108 -22.70 27.14 17.05
C PHE B 108 -21.82 26.97 15.82
N ALA B 109 -22.33 27.41 14.67
CA ALA B 109 -21.59 27.30 13.43
C ALA B 109 -21.77 28.54 12.62
N ASN B 110 -21.84 29.67 13.31
CA ASN B 110 -22.06 30.92 12.63
C ASN B 110 -20.87 31.70 12.09
N GLY B 111 -19.77 30.98 11.86
CA GLY B 111 -18.57 31.58 11.29
C GLY B 111 -18.01 32.88 11.82
N ALA B 112 -17.28 33.57 10.95
CA ALA B 112 -16.64 34.83 11.30
C ALA B 112 -17.17 35.94 10.40
N SER B 113 -16.84 37.17 10.76
CA SER B 113 -17.27 38.36 10.02
C SER B 113 -16.18 39.39 9.83
N PRO B 114 -16.37 40.32 8.88
CA PRO B 114 -15.36 41.33 8.64
C PRO B 114 -15.19 42.18 9.89
N GLN B 115 -13.98 42.68 10.07
CA GLN B 115 -13.69 43.56 11.18
C GLN B 115 -13.39 44.89 10.50
N VAL B 116 -14.26 45.88 10.68
CA VAL B 116 -14.04 47.19 10.04
C VAL B 116 -13.02 48.02 10.82
N PRO B 117 -12.08 48.66 10.10
CA PRO B 117 -11.05 49.48 10.74
C PRO B 117 -11.66 50.73 11.38
N ALA B 118 -10.87 51.36 12.26
CA ALA B 118 -11.31 52.56 12.96
C ALA B 118 -10.79 53.84 12.28
N ILE B 119 -10.98 53.93 10.97
CA ILE B 119 -10.55 55.10 10.22
C ILE B 119 -11.81 55.96 9.94
N GLU B 120 -11.63 57.27 9.73
CA GLU B 120 -12.77 58.15 9.47
C GLU B 120 -13.63 57.73 8.27
N GLY B 121 -14.95 57.86 8.41
CA GLY B 121 -15.86 57.51 7.33
C GLY B 121 -15.48 56.25 6.56
N VAL B 122 -16.04 55.11 6.97
CA VAL B 122 -15.77 53.83 6.34
C VAL B 122 -17.07 53.23 5.85
N ASN B 123 -18.10 54.08 5.76
CA ASN B 123 -19.40 53.60 5.31
C ASN B 123 -19.92 54.34 4.07
N LEU B 124 -19.07 55.16 3.45
CA LEU B 124 -19.48 55.91 2.26
C LEU B 124 -19.72 54.94 1.12
N LYS B 125 -20.56 55.34 0.16
CA LYS B 125 -20.89 54.52 -1.00
C LYS B 125 -19.67 53.98 -1.75
N GLY B 126 -18.48 54.41 -1.32
CA GLY B 126 -17.26 53.93 -1.95
C GLY B 126 -16.67 52.63 -1.39
N VAL B 127 -16.78 52.43 -0.08
CA VAL B 127 -16.21 51.25 0.55
C VAL B 127 -17.00 49.93 0.45
N PHE B 128 -16.26 48.83 0.28
CA PHE B 128 -16.82 47.48 0.16
C PHE B 128 -15.87 46.49 0.87
N THR B 129 -16.43 45.47 1.51
CA THR B 129 -15.59 44.47 2.17
C THR B 129 -15.82 43.17 1.43
N ALA B 130 -14.74 42.46 1.15
CA ALA B 130 -14.84 41.20 0.42
C ALA B 130 -15.22 40.04 1.33
N ASP B 131 -16.52 39.81 1.45
CA ASP B 131 -17.03 38.75 2.28
C ASP B 131 -18.11 37.94 1.56
N LEU B 132 -19.32 37.95 2.11
CA LEU B 132 -20.47 37.23 1.57
C LEU B 132 -20.66 37.46 0.05
N PRO B 133 -21.04 36.39 -0.68
CA PRO B 133 -21.25 36.49 -2.13
C PRO B 133 -22.10 37.70 -2.59
N PRO B 134 -23.01 38.21 -1.72
CA PRO B 134 -23.80 39.38 -2.17
C PRO B 134 -22.85 40.53 -2.57
N ASP B 135 -21.89 40.82 -1.67
CA ASP B 135 -20.93 41.87 -1.91
C ASP B 135 -20.35 41.61 -3.31
N ALA B 136 -20.07 40.34 -3.61
CA ALA B 136 -19.54 39.96 -4.93
C ALA B 136 -20.47 40.42 -6.03
N LEU B 137 -21.78 40.26 -5.79
CA LEU B 137 -22.77 40.72 -6.76
C LEU B 137 -22.73 42.27 -6.68
N ALA B 138 -22.92 42.77 -5.45
CA ALA B 138 -22.92 44.19 -5.18
C ALA B 138 -21.67 44.88 -5.77
N ILE B 139 -20.62 44.97 -4.95
CA ILE B 139 -19.38 45.61 -5.38
C ILE B 139 -19.17 45.55 -6.90
N ARG B 140 -19.19 44.33 -7.46
CA ARG B 140 -18.98 44.16 -8.90
C ARG B 140 -20.00 44.97 -9.70
N GLU B 141 -21.29 44.74 -9.41
CA GLU B 141 -22.35 45.47 -10.12
C GLU B 141 -22.02 46.98 -10.06
N TYR B 142 -21.82 47.51 -8.88
CA TYR B 142 -21.48 48.94 -8.69
C TYR B 142 -20.48 49.42 -9.71
N MET B 143 -19.32 48.77 -9.73
CA MET B 143 -18.25 49.11 -10.67
C MET B 143 -18.77 49.06 -12.11
N GLU B 144 -19.52 48.00 -12.43
CA GLU B 144 -20.13 47.85 -13.73
C GLU B 144 -21.41 48.64 -13.76
N LYS B 145 -21.24 49.94 -13.54
CA LYS B 145 -22.30 50.94 -13.48
C LYS B 145 -21.50 52.25 -13.43
N TYR B 146 -21.47 52.94 -12.28
CA TYR B 146 -20.70 54.18 -12.19
C TYR B 146 -19.21 53.87 -12.45
N LYS B 147 -18.74 54.18 -13.67
CA LYS B 147 -17.36 53.93 -14.07
C LYS B 147 -16.33 54.14 -12.94
N VAL B 148 -15.64 53.04 -12.60
CA VAL B 148 -14.61 53.05 -11.55
C VAL B 148 -13.24 52.75 -12.16
N GLU B 149 -12.33 53.73 -12.05
CA GLU B 149 -10.97 53.57 -12.57
C GLU B 149 -10.07 53.09 -11.45
N ASN B 150 -9.55 54.02 -10.65
CA ASN B 150 -8.67 53.69 -9.53
C ASN B 150 -9.41 53.02 -8.37
N VAL B 151 -8.80 51.97 -7.80
CA VAL B 151 -9.38 51.24 -6.67
C VAL B 151 -8.29 50.86 -5.66
N VAL B 152 -8.53 51.18 -4.38
CA VAL B 152 -7.56 50.89 -3.35
C VAL B 152 -7.99 49.82 -2.35
N ILE B 153 -7.05 48.93 -2.05
CA ILE B 153 -7.27 47.83 -1.12
C ILE B 153 -6.42 48.03 0.12
N ILE B 154 -7.09 48.02 1.27
CA ILE B 154 -6.42 48.18 2.55
C ILE B 154 -6.37 46.82 3.22
N GLY B 155 -5.15 46.28 3.29
CA GLY B 155 -4.90 44.99 3.91
C GLY B 155 -3.82 44.22 3.16
N GLY B 156 -2.86 43.67 3.88
CA GLY B 156 -1.81 42.92 3.21
C GLY B 156 -1.98 41.42 3.41
N GLY B 157 -3.21 41.02 3.72
CA GLY B 157 -3.49 39.61 3.96
C GLY B 157 -3.87 38.82 2.75
N TYR B 158 -4.44 37.64 2.99
CA TYR B 158 -4.88 36.73 1.94
C TYR B 158 -5.92 37.46 1.12
N ILE B 159 -7.03 37.75 1.79
CA ILE B 159 -8.15 38.45 1.18
C ILE B 159 -7.64 39.63 0.35
N GLY B 160 -6.83 40.49 0.94
CA GLY B 160 -6.33 41.62 0.20
C GLY B 160 -5.72 41.23 -1.15
N ILE B 161 -4.76 40.31 -1.10
CA ILE B 161 -4.08 39.85 -2.29
C ILE B 161 -5.01 39.34 -3.37
N GLU B 162 -6.00 38.54 -3.01
CA GLU B 162 -6.89 38.02 -4.03
C GLU B 162 -7.63 39.14 -4.71
N MET B 163 -8.23 40.03 -3.91
CA MET B 163 -8.97 41.17 -4.45
C MET B 163 -8.05 41.98 -5.39
N ALA B 164 -6.77 42.10 -5.01
CA ALA B 164 -5.82 42.83 -5.83
C ALA B 164 -5.74 42.14 -7.18
N GLU B 165 -5.50 40.84 -7.17
CA GLU B 165 -5.43 40.08 -8.40
C GLU B 165 -6.73 40.28 -9.17
N ALA B 166 -7.85 40.11 -8.47
CA ALA B 166 -9.17 40.24 -9.06
C ALA B 166 -9.36 41.49 -9.91
N PHE B 167 -8.96 42.63 -9.37
CA PHE B 167 -9.11 43.91 -10.05
C PHE B 167 -8.10 44.17 -11.15
N ALA B 168 -6.85 43.83 -10.91
CA ALA B 168 -5.82 44.04 -11.91
C ALA B 168 -6.26 43.32 -13.18
N ALA B 169 -6.87 42.17 -13.00
CA ALA B 169 -7.36 41.35 -14.10
C ALA B 169 -8.43 42.09 -14.90
N GLN B 170 -9.08 43.05 -14.24
CA GLN B 170 -10.13 43.85 -14.85
C GLN B 170 -9.51 45.16 -15.33
N GLY B 171 -8.17 45.15 -15.42
CA GLY B 171 -7.43 46.31 -15.88
C GLY B 171 -7.51 47.54 -14.97
N LYS B 172 -8.33 47.49 -13.93
CA LYS B 172 -8.43 48.65 -13.06
C LYS B 172 -7.11 48.86 -12.33
N ASN B 173 -6.72 50.12 -12.19
CA ASN B 173 -5.49 50.47 -11.49
C ASN B 173 -5.77 50.09 -10.04
N VAL B 174 -4.80 49.40 -9.42
CA VAL B 174 -4.94 48.94 -8.03
C VAL B 174 -3.78 49.40 -7.13
N THR B 175 -4.10 49.68 -5.87
CA THR B 175 -3.10 50.12 -4.90
C THR B 175 -3.37 49.47 -3.55
N MET B 176 -2.36 48.81 -3.01
CA MET B 176 -2.46 48.14 -1.72
C MET B 176 -1.78 48.89 -0.59
N ILE B 177 -2.46 48.95 0.56
CA ILE B 177 -1.89 49.62 1.71
C ILE B 177 -1.81 48.65 2.90
N VAL B 178 -0.57 48.39 3.34
CA VAL B 178 -0.32 47.49 4.47
C VAL B 178 0.56 48.22 5.49
N ARG B 179 0.16 48.21 6.76
CA ARG B 179 0.93 48.91 7.78
C ARG B 179 2.23 48.18 8.12
N GLY B 180 2.27 46.89 7.81
CA GLY B 180 3.47 46.12 8.09
C GLY B 180 4.56 46.32 7.06
N GLU B 181 5.71 45.70 7.29
CA GLU B 181 6.88 45.80 6.40
C GLU B 181 6.79 44.94 5.15
N ARG B 182 5.72 44.17 5.03
CA ARG B 182 5.52 43.28 3.89
C ARG B 182 4.15 42.60 4.00
N VAL B 183 3.61 42.14 2.87
CA VAL B 183 2.31 41.49 2.90
C VAL B 183 2.40 40.08 3.47
N LEU B 184 1.29 39.56 3.99
CA LEU B 184 1.28 38.22 4.58
C LEU B 184 2.30 38.16 5.71
N ARG B 185 2.56 39.36 6.24
CA ARG B 185 3.49 39.62 7.35
C ARG B 185 3.46 38.58 8.49
N ARG B 186 2.28 38.08 8.83
CA ARG B 186 2.19 37.13 9.94
C ARG B 186 1.92 35.68 9.58
N SER B 187 1.69 35.41 8.30
CA SER B 187 1.39 34.05 7.85
C SER B 187 2.60 33.30 7.29
N PHE B 188 3.51 34.02 6.64
CA PHE B 188 4.72 33.41 6.05
C PHE B 188 5.99 34.18 6.45
N ASP B 189 7.14 33.50 6.38
CA ASP B 189 8.40 34.14 6.68
C ASP B 189 8.76 35.04 5.50
N LYS B 190 9.72 35.93 5.73
CA LYS B 190 10.11 36.90 4.71
C LYS B 190 10.71 36.36 3.41
N GLU B 191 11.38 35.20 3.46
CA GLU B 191 11.96 34.65 2.23
C GLU B 191 10.94 34.11 1.24
N VAL B 192 9.76 33.75 1.71
CA VAL B 192 8.73 33.25 0.83
C VAL B 192 7.99 34.47 0.29
N THR B 193 7.71 35.39 1.18
CA THR B 193 6.98 36.57 0.81
C THR B 193 7.71 37.38 -0.26
N ASP B 194 9.02 37.53 -0.08
CA ASP B 194 9.81 38.28 -1.04
C ASP B 194 9.53 37.90 -2.49
N ILE B 195 9.49 36.61 -2.81
CA ILE B 195 9.21 36.20 -4.18
C ILE B 195 7.83 36.75 -4.64
N LEU B 196 6.84 36.68 -3.77
CA LEU B 196 5.51 37.17 -4.09
C LEU B 196 5.51 38.69 -4.30
N GLU B 197 6.07 39.43 -3.35
CA GLU B 197 6.12 40.90 -3.43
C GLU B 197 6.79 41.34 -4.73
N GLU B 198 7.81 40.61 -5.13
CA GLU B 198 8.55 40.91 -6.35
C GLU B 198 7.62 40.96 -7.55
N LYS B 199 6.77 39.95 -7.67
CA LYS B 199 5.80 39.87 -8.76
C LYS B 199 4.68 40.86 -8.52
N LEU B 200 4.21 40.89 -7.29
CA LEU B 200 3.12 41.76 -6.91
C LEU B 200 3.35 43.23 -7.30
N LYS B 201 4.54 43.73 -7.01
CA LYS B 201 4.88 45.12 -7.28
C LYS B 201 4.76 45.50 -8.74
N LYS B 202 4.77 44.50 -9.61
CA LYS B 202 4.69 44.79 -11.03
C LYS B 202 3.28 44.91 -11.63
N HIS B 203 2.25 44.81 -10.79
CA HIS B 203 0.87 44.91 -11.27
C HIS B 203 0.00 45.71 -10.34
N VAL B 204 0.51 46.00 -9.15
CA VAL B 204 -0.26 46.77 -8.19
C VAL B 204 0.69 47.76 -7.53
N ASN B 205 0.15 48.87 -7.03
CA ASN B 205 0.98 49.89 -6.37
C ASN B 205 1.08 49.46 -4.92
N LEU B 206 2.22 48.90 -4.53
CA LEU B 206 2.41 48.42 -3.17
C LEU B 206 2.92 49.47 -2.20
N ARG B 207 2.05 49.85 -1.27
CA ARG B 207 2.42 50.85 -0.27
C ARG B 207 2.45 50.16 1.09
N LEU B 208 3.67 49.99 1.61
CA LEU B 208 3.89 49.34 2.90
C LEU B 208 4.13 50.40 4.00
N GLN B 209 4.27 49.93 5.23
CA GLN B 209 4.55 50.80 6.38
C GLN B 209 3.60 51.97 6.52
N GLU B 210 2.55 52.00 5.72
CA GLU B 210 1.62 53.11 5.82
C GLU B 210 0.42 52.77 6.68
N ILE B 211 -0.08 53.78 7.37
CA ILE B 211 -1.27 53.61 8.19
C ILE B 211 -2.33 54.49 7.52
N THR B 212 -3.47 53.91 7.15
CA THR B 212 -4.52 54.75 6.57
C THR B 212 -4.93 55.62 7.75
N MET B 213 -5.40 56.83 7.49
CA MET B 213 -5.80 57.73 8.58
C MET B 213 -7.23 58.23 8.42
N LYS B 214 -7.83 57.98 7.25
CA LYS B 214 -9.19 58.43 7.02
C LYS B 214 -9.52 58.45 5.54
N ILE B 215 -10.81 58.43 5.18
CA ILE B 215 -11.17 58.43 3.77
C ILE B 215 -12.35 59.28 3.31
N GLU B 216 -12.07 60.54 2.96
CA GLU B 216 -13.11 61.49 2.49
C GLU B 216 -13.75 61.28 1.10
N GLY B 217 -14.84 62.02 0.88
CA GLY B 217 -15.59 61.97 -0.37
C GLY B 217 -16.98 62.58 -0.15
N GLU B 218 -17.80 62.70 -1.21
CA GLU B 218 -19.14 63.26 -1.03
C GLU B 218 -20.18 62.16 -0.81
N GLU B 219 -20.80 61.68 -1.89
CA GLU B 219 -21.77 60.60 -1.75
C GLU B 219 -21.05 59.25 -1.93
N ARG B 220 -19.92 59.29 -2.65
CA ARG B 220 -19.13 58.10 -2.88
C ARG B 220 -17.67 58.35 -2.51
N VAL B 221 -16.94 57.28 -2.16
CA VAL B 221 -15.53 57.42 -1.77
C VAL B 221 -14.85 58.15 -2.91
N GLU B 222 -13.98 59.10 -2.57
CA GLU B 222 -13.29 59.83 -3.62
C GLU B 222 -11.78 59.65 -3.51
N LYS B 223 -11.24 59.84 -2.31
CA LYS B 223 -9.82 59.69 -2.12
C LYS B 223 -9.47 59.04 -0.79
N VAL B 224 -8.39 58.29 -0.76
CA VAL B 224 -7.96 57.64 0.48
C VAL B 224 -6.72 58.39 0.95
N VAL B 225 -6.64 58.66 2.25
CA VAL B 225 -5.47 59.38 2.78
C VAL B 225 -4.82 58.67 3.96
N THR B 226 -3.49 58.55 3.87
CA THR B 226 -2.68 57.90 4.88
C THR B 226 -1.45 58.74 5.23
N ASP B 227 -0.83 58.42 6.37
CA ASP B 227 0.34 59.14 6.87
C ASP B 227 1.60 59.02 5.99
N ALA B 228 1.46 59.33 4.71
CA ALA B 228 2.58 59.29 3.75
C ALA B 228 2.12 59.81 2.37
N GLY B 229 0.80 59.96 2.20
CA GLY B 229 0.26 60.45 0.95
C GLY B 229 -1.22 60.18 0.79
N GLU B 230 -1.74 60.53 -0.37
CA GLU B 230 -3.15 60.34 -0.70
C GLU B 230 -3.25 59.54 -2.01
N TYR B 231 -4.36 58.85 -2.22
CA TYR B 231 -4.51 58.02 -3.41
C TYR B 231 -5.90 58.08 -4.05
N LYS B 232 -5.93 58.30 -5.37
CA LYS B 232 -7.18 58.36 -6.11
C LYS B 232 -7.90 57.03 -5.82
N ALA B 233 -9.21 57.10 -5.58
CA ALA B 233 -9.95 55.89 -5.26
C ALA B 233 -11.47 56.03 -5.46
N GLU B 234 -12.03 55.17 -6.31
CA GLU B 234 -13.47 55.19 -6.57
C GLU B 234 -14.16 53.89 -6.13
N LEU B 235 -13.39 53.08 -5.41
CA LEU B 235 -13.83 51.79 -4.88
C LEU B 235 -12.78 51.44 -3.82
N VAL B 236 -13.21 50.99 -2.65
CA VAL B 236 -12.23 50.60 -1.64
C VAL B 236 -12.65 49.29 -0.98
N ILE B 237 -11.67 48.43 -0.79
CA ILE B 237 -11.89 47.15 -0.18
C ILE B 237 -11.10 47.10 1.10
N LEU B 238 -11.74 46.63 2.17
CA LEU B 238 -11.08 46.49 3.46
C LEU B 238 -10.82 45.01 3.65
N ALA B 239 -9.55 44.65 3.76
CA ALA B 239 -9.14 43.26 3.97
C ALA B 239 -8.31 43.35 5.23
N THR B 240 -8.79 44.15 6.17
CA THR B 240 -8.10 44.38 7.43
C THR B 240 -8.34 43.34 8.51
N GLY B 241 -9.15 42.33 8.24
CA GLY B 241 -9.37 41.34 9.28
C GLY B 241 -10.73 40.71 9.42
N ILE B 242 -10.77 39.64 10.19
CA ILE B 242 -11.97 38.88 10.44
C ILE B 242 -12.06 38.57 11.96
N LYS B 243 -13.28 38.45 12.49
CA LYS B 243 -13.47 38.13 13.91
C LYS B 243 -14.51 37.03 14.03
N PRO B 244 -14.42 36.19 15.07
CA PRO B 244 -15.42 35.13 15.22
C PRO B 244 -16.73 35.75 15.71
N ASN B 245 -17.85 35.26 15.20
CA ASN B 245 -19.15 35.76 15.62
C ASN B 245 -19.56 35.07 16.91
N ILE B 246 -19.05 35.55 18.03
CA ILE B 246 -19.32 34.93 19.33
C ILE B 246 -20.42 35.48 20.23
N GLU B 247 -20.95 36.65 19.92
CA GLU B 247 -21.98 37.29 20.74
C GLU B 247 -23.13 36.38 21.18
N LEU B 248 -23.65 35.60 20.25
CA LEU B 248 -24.76 34.71 20.54
C LEU B 248 -24.38 33.63 21.54
N ALA B 249 -23.12 33.21 21.49
CA ALA B 249 -22.63 32.16 22.38
C ALA B 249 -22.31 32.72 23.76
N LYS B 250 -21.83 33.95 23.82
CA LYS B 250 -21.52 34.55 25.12
C LYS B 250 -22.83 34.70 25.89
N GLN B 251 -23.92 34.76 25.15
CA GLN B 251 -25.25 34.88 25.71
C GLN B 251 -25.61 33.57 26.42
N LEU B 252 -25.10 32.45 25.92
CA LEU B 252 -25.39 31.14 26.50
C LEU B 252 -24.38 30.83 27.60
N GLY B 253 -23.45 31.76 27.80
CA GLY B 253 -22.44 31.56 28.82
C GLY B 253 -21.32 30.62 28.44
N VAL B 254 -21.17 30.36 27.16
CA VAL B 254 -20.11 29.48 26.65
C VAL B 254 -18.72 30.08 26.85
N ARG B 255 -17.79 29.23 27.24
CA ARG B 255 -16.40 29.64 27.45
C ARG B 255 -15.77 29.95 26.11
N ILE B 256 -15.20 31.14 25.96
CA ILE B 256 -14.56 31.49 24.70
C ILE B 256 -13.04 31.51 24.95
N GLY B 257 -12.32 30.86 24.04
CA GLY B 257 -10.87 30.73 24.13
C GLY B 257 -9.99 31.96 24.17
N GLU B 258 -8.71 31.70 24.43
CA GLU B 258 -7.71 32.74 24.49
C GLU B 258 -7.52 33.34 23.11
N THR B 259 -7.91 32.59 22.08
CA THR B 259 -7.77 33.06 20.71
C THR B 259 -8.87 34.03 20.30
N GLY B 260 -9.98 34.00 21.05
CA GLY B 260 -11.10 34.89 20.75
C GLY B 260 -12.24 34.14 20.10
N ALA B 261 -12.01 32.87 19.80
CA ALA B 261 -13.03 32.03 19.20
C ALA B 261 -13.56 31.14 20.29
N ILE B 262 -14.61 30.37 19.97
CA ILE B 262 -15.23 29.50 20.95
C ILE B 262 -14.33 28.35 21.33
N TRP B 263 -14.12 28.16 22.63
CA TRP B 263 -13.30 27.07 23.14
C TRP B 263 -13.95 25.76 22.78
N THR B 264 -13.15 24.77 22.44
CA THR B 264 -13.70 23.50 22.03
C THR B 264 -12.79 22.32 22.40
N ASN B 265 -13.34 21.12 22.42
CA ASN B 265 -12.50 19.97 22.69
C ASN B 265 -12.48 19.09 21.46
N GLU B 266 -11.81 17.96 21.52
CA GLU B 266 -11.70 17.08 20.36
C GLU B 266 -13.01 16.61 19.76
N LYS B 267 -14.10 16.81 20.49
CA LYS B 267 -15.42 16.40 20.00
C LYS B 267 -16.24 17.58 19.51
N MET B 268 -15.62 18.77 19.54
CA MET B 268 -16.24 20.01 19.13
C MET B 268 -17.26 20.45 20.18
N GLN B 269 -17.08 19.92 21.38
CA GLN B 269 -17.94 20.24 22.52
C GLN B 269 -17.49 21.55 23.15
N THR B 270 -18.45 22.33 23.66
CA THR B 270 -18.11 23.58 24.31
C THR B 270 -18.18 23.35 25.80
N SER B 271 -18.01 24.41 26.58
CA SER B 271 -18.05 24.28 28.03
C SER B 271 -19.47 24.05 28.56
N VAL B 272 -20.47 24.19 27.70
CA VAL B 272 -21.86 23.97 28.09
C VAL B 272 -22.36 22.64 27.55
N GLU B 273 -23.05 21.87 28.40
CA GLU B 273 -23.53 20.56 27.99
C GLU B 273 -24.45 20.58 26.78
N ASN B 274 -24.20 19.64 25.88
CA ASN B 274 -24.97 19.48 24.66
C ASN B 274 -24.88 20.66 23.69
N VAL B 275 -23.89 21.52 23.89
CA VAL B 275 -23.69 22.63 22.99
C VAL B 275 -22.37 22.40 22.28
N TYR B 276 -22.43 22.28 20.96
CA TYR B 276 -21.23 22.05 20.16
C TYR B 276 -20.92 23.32 19.38
N ALA B 277 -19.75 23.36 18.76
CA ALA B 277 -19.37 24.52 17.98
C ALA B 277 -18.30 24.10 16.99
N ALA B 278 -18.44 24.54 15.74
CA ALA B 278 -17.50 24.18 14.70
C ALA B 278 -17.35 25.25 13.64
N GLY B 279 -16.26 25.20 12.89
CA GLY B 279 -16.07 26.16 11.84
C GLY B 279 -15.38 27.41 12.31
N ASP B 280 -15.65 28.52 11.61
CA ASP B 280 -15.02 29.79 11.92
C ASP B 280 -15.31 30.42 13.26
N VAL B 281 -16.32 29.93 13.97
CA VAL B 281 -16.60 30.48 15.28
C VAL B 281 -15.71 29.78 16.31
N ALA B 282 -15.41 28.50 16.02
CA ALA B 282 -14.60 27.68 16.89
C ALA B 282 -13.09 27.82 16.87
N GLU B 283 -12.51 27.63 18.04
CA GLU B 283 -11.07 27.63 18.27
C GLU B 283 -10.69 26.15 18.37
N THR B 284 -9.71 25.71 17.59
CA THR B 284 -9.32 24.32 17.65
C THR B 284 -7.88 24.17 18.17
N ARG B 285 -7.26 23.01 17.99
CA ARG B 285 -5.88 22.85 18.46
C ARG B 285 -4.89 22.54 17.37
N HIS B 286 -3.66 23.00 17.55
CA HIS B 286 -2.62 22.78 16.58
C HIS B 286 -2.04 21.38 16.76
N VAL B 287 -2.00 20.63 15.67
CA VAL B 287 -1.50 19.28 15.72
C VAL B 287 -0.03 19.20 16.07
N ILE B 288 0.75 20.26 15.79
CA ILE B 288 2.18 20.25 16.10
C ILE B 288 2.52 20.83 17.47
N THR B 289 2.16 22.08 17.72
CA THR B 289 2.45 22.71 19.01
C THR B 289 1.47 22.30 20.11
N GLY B 290 0.30 21.83 19.70
CA GLY B 290 -0.69 21.40 20.67
C GLY B 290 -1.50 22.51 21.32
N ARG B 291 -1.00 23.74 21.32
CA ARG B 291 -1.75 24.81 21.96
C ARG B 291 -2.98 25.17 21.12
N ARG B 292 -3.89 25.97 21.67
CA ARG B 292 -5.11 26.34 20.95
C ARG B 292 -4.84 27.42 19.90
N VAL B 293 -5.55 27.34 18.78
CA VAL B 293 -5.41 28.29 17.69
C VAL B 293 -6.74 28.61 17.02
N TRP B 294 -6.72 29.53 16.08
CA TRP B 294 -7.92 29.86 15.33
C TRP B 294 -7.54 29.89 13.87
N VAL B 295 -7.96 28.88 13.13
CA VAL B 295 -7.64 28.77 11.72
C VAL B 295 -8.92 28.64 10.91
N PRO B 296 -9.59 29.77 10.67
CA PRO B 296 -10.84 29.84 9.92
C PRO B 296 -10.76 29.46 8.43
N LEU B 297 -10.57 28.17 8.15
CA LEU B 297 -10.50 27.67 6.79
C LEU B 297 -11.55 26.58 6.58
N ALA B 298 -12.24 26.63 5.46
CA ALA B 298 -13.33 25.70 5.14
C ALA B 298 -13.14 24.18 5.20
N PRO B 299 -11.95 23.66 4.84
CA PRO B 299 -11.80 22.20 4.89
C PRO B 299 -11.94 21.68 6.31
N ALA B 300 -11.26 22.35 7.22
CA ALA B 300 -11.29 21.98 8.62
C ALA B 300 -12.69 22.24 9.17
N GLY B 301 -13.28 23.36 8.79
CA GLY B 301 -14.59 23.72 9.26
C GLY B 301 -15.58 22.61 8.99
N ASN B 302 -15.53 22.11 7.76
CA ASN B 302 -16.38 21.03 7.30
C ASN B 302 -16.25 19.79 8.17
N LYS B 303 -15.02 19.43 8.50
CA LYS B 303 -14.78 18.25 9.31
C LYS B 303 -15.16 18.50 10.75
N MET B 304 -14.96 19.73 11.20
CA MET B 304 -15.32 20.09 12.56
C MET B 304 -16.82 19.86 12.72
N GLY B 305 -17.59 20.26 11.71
CA GLY B 305 -19.02 20.08 11.75
C GLY B 305 -19.37 18.62 11.65
N TYR B 306 -18.54 17.90 10.91
CA TYR B 306 -18.72 16.48 10.72
C TYR B 306 -18.55 15.73 12.04
N VAL B 307 -17.53 16.05 12.84
CA VAL B 307 -17.40 15.32 14.10
C VAL B 307 -18.41 15.79 15.13
N ALA B 308 -18.79 17.07 15.07
CA ALA B 308 -19.79 17.60 16.00
C ALA B 308 -21.04 16.77 15.80
N GLY B 309 -21.47 16.63 14.55
CA GLY B 309 -22.65 15.84 14.24
C GLY B 309 -22.51 14.37 14.63
N SER B 310 -21.32 13.79 14.49
CA SER B 310 -21.10 12.39 14.86
C SER B 310 -21.36 12.18 16.35
N ASN B 311 -20.73 13.01 17.16
CA ASN B 311 -20.85 12.94 18.59
C ASN B 311 -22.27 13.19 19.07
N ILE B 312 -22.96 14.14 18.45
CA ILE B 312 -24.33 14.42 18.82
C ILE B 312 -25.15 13.15 18.58
N ALA B 313 -25.00 12.55 17.41
CA ALA B 313 -25.71 11.33 17.06
C ALA B 313 -25.26 10.11 17.86
N GLY B 314 -24.38 10.32 18.83
CA GLY B 314 -23.92 9.22 19.65
C GLY B 314 -22.79 8.34 19.14
N LYS B 315 -21.96 8.85 18.24
CA LYS B 315 -20.82 8.09 17.72
C LYS B 315 -19.54 8.87 18.01
N GLU B 316 -18.76 8.40 18.98
CA GLU B 316 -17.50 9.02 19.34
C GLU B 316 -16.62 9.28 18.12
N LEU B 317 -16.06 10.47 18.04
CA LEU B 317 -15.17 10.81 16.95
C LEU B 317 -14.38 12.00 17.41
N HIS B 318 -13.06 11.88 17.34
CA HIS B 318 -12.18 12.96 17.78
C HIS B 318 -11.58 13.68 16.57
N PHE B 319 -11.46 15.00 16.67
CA PHE B 319 -10.85 15.81 15.63
C PHE B 319 -9.45 16.04 16.13
N PRO B 320 -8.44 15.64 15.35
CA PRO B 320 -7.05 15.82 15.78
C PRO B 320 -6.58 17.25 15.92
N GLY B 321 -7.14 18.15 15.12
CA GLY B 321 -6.73 19.53 15.17
C GLY B 321 -6.26 19.95 13.79
N VAL B 322 -5.70 21.14 13.67
CA VAL B 322 -5.26 21.61 12.38
C VAL B 322 -3.78 21.89 12.33
N LEU B 323 -3.27 21.95 11.10
CA LEU B 323 -1.87 22.18 10.84
C LEU B 323 -1.66 23.63 10.44
N GLY B 324 -2.75 24.36 10.23
CA GLY B 324 -2.61 25.75 9.82
C GLY B 324 -2.26 25.87 8.33
N THR B 325 -2.51 24.77 7.61
CA THR B 325 -2.27 24.67 6.18
C THR B 325 -3.05 25.75 5.47
N ALA B 326 -2.44 26.36 4.46
CA ALA B 326 -3.11 27.41 3.70
C ALA B 326 -2.44 27.62 2.36
N VAL B 327 -3.21 28.12 1.40
CA VAL B 327 -2.69 28.38 0.06
C VAL B 327 -3.44 29.51 -0.66
N THR B 328 -2.73 30.26 -1.49
CA THR B 328 -3.32 31.33 -2.27
C THR B 328 -2.37 31.66 -3.42
N LYS B 329 -2.66 32.70 -4.18
CA LYS B 329 -1.78 33.07 -5.28
C LYS B 329 -2.06 34.45 -5.82
N PHE B 330 -1.07 35.01 -6.50
CA PHE B 330 -1.22 36.29 -7.16
C PHE B 330 -0.78 36.00 -8.59
N MET B 331 -1.73 36.10 -9.51
CA MET B 331 -1.52 35.82 -10.92
C MET B 331 -0.92 34.43 -11.01
N ASP B 332 0.32 34.28 -11.47
CA ASP B 332 0.82 32.91 -11.55
C ASP B 332 1.76 32.46 -10.43
N VAL B 333 2.12 33.34 -9.51
CA VAL B 333 2.97 32.88 -8.41
C VAL B 333 2.09 32.43 -7.24
N GLU B 334 2.19 31.14 -6.93
CA GLU B 334 1.43 30.49 -5.87
C GLU B 334 2.23 30.56 -4.57
N ILE B 335 1.53 30.58 -3.43
CA ILE B 335 2.22 30.61 -2.15
C ILE B 335 1.45 29.77 -1.12
N GLY B 336 2.19 28.94 -0.38
CA GLY B 336 1.54 28.11 0.60
C GLY B 336 2.41 27.70 1.76
N LYS B 337 1.75 27.29 2.84
CA LYS B 337 2.42 26.84 4.04
C LYS B 337 1.65 25.66 4.61
N THR B 338 2.25 25.05 5.63
CA THR B 338 1.65 23.95 6.36
C THR B 338 2.62 23.75 7.50
N GLY B 339 2.09 23.73 8.71
CA GLY B 339 2.96 23.54 9.85
C GLY B 339 3.48 24.87 10.33
N LEU B 340 4.45 24.82 11.23
CA LEU B 340 5.00 26.03 11.80
C LEU B 340 5.91 26.83 10.91
N THR B 341 5.80 28.14 11.04
CA THR B 341 6.63 29.07 10.28
C THR B 341 7.90 29.27 11.14
N GLU B 342 8.96 29.86 10.61
CA GLU B 342 10.15 30.05 11.44
C GLU B 342 9.87 31.00 12.59
N MET B 343 8.98 31.96 12.37
CA MET B 343 8.60 32.93 13.40
C MET B 343 7.91 32.14 14.51
N GLU B 344 6.89 31.37 14.12
CA GLU B 344 6.12 30.55 15.05
C GLU B 344 6.96 29.54 15.80
N ALA B 345 7.79 28.81 15.09
CA ALA B 345 8.65 27.82 15.73
C ALA B 345 9.56 28.42 16.79
N LEU B 346 10.17 29.56 16.48
CA LEU B 346 11.06 30.22 17.43
C LEU B 346 10.24 30.78 18.58
N LYS B 347 9.08 31.32 18.25
CA LYS B 347 8.17 31.90 19.23
C LYS B 347 7.80 30.83 20.27
N GLU B 348 7.71 29.60 19.80
CA GLU B 348 7.35 28.47 20.65
C GLU B 348 8.51 27.88 21.41
N GLY B 349 9.71 28.44 21.23
CA GLY B 349 10.87 27.99 21.95
C GLY B 349 11.63 26.79 21.41
N TYR B 350 11.34 26.40 20.18
CA TYR B 350 12.01 25.28 19.57
C TYR B 350 13.46 25.68 19.21
N ASP B 351 14.33 24.68 19.15
CA ASP B 351 15.72 24.87 18.73
C ASP B 351 15.58 24.39 17.28
N VAL B 352 15.55 25.31 16.34
CA VAL B 352 15.37 24.93 14.95
C VAL B 352 16.48 25.25 13.99
N ARG B 353 16.54 24.45 12.93
CA ARG B 353 17.48 24.66 11.86
C ARG B 353 16.54 24.79 10.65
N THR B 354 16.98 25.51 9.63
CA THR B 354 16.14 25.70 8.46
C THR B 354 16.91 25.53 7.17
N ALA B 355 16.20 25.69 6.07
CA ALA B 355 16.79 25.60 4.76
C ALA B 355 15.80 26.21 3.79
N PHE B 356 16.30 26.86 2.75
CA PHE B 356 15.47 27.48 1.74
C PHE B 356 16.12 27.13 0.42
N ILE B 357 15.38 26.43 -0.44
CA ILE B 357 15.95 26.03 -1.69
C ILE B 357 15.08 26.36 -2.86
N LYS B 358 15.75 26.57 -3.99
CA LYS B 358 15.10 26.86 -5.25
C LYS B 358 15.19 25.55 -6.01
N ALA B 359 14.22 25.28 -6.86
CA ALA B 359 14.22 24.05 -7.64
C ALA B 359 13.31 24.26 -8.82
N SER B 360 13.15 23.22 -9.63
CA SER B 360 12.29 23.31 -10.79
C SER B 360 11.12 22.35 -10.70
N THR B 361 10.05 22.70 -11.39
CA THR B 361 8.82 21.94 -11.43
C THR B 361 8.94 20.71 -12.33
N ARG B 362 9.94 20.70 -13.21
CA ARG B 362 10.21 19.59 -14.16
C ARG B 362 11.71 19.38 -14.34
N PRO B 363 12.12 18.26 -14.97
CA PRO B 363 13.57 18.01 -15.18
C PRO B 363 14.11 19.17 -16.00
N HIS B 364 15.38 19.56 -15.82
CA HIS B 364 15.83 20.73 -16.59
C HIS B 364 16.14 20.51 -18.04
N TYR B 365 15.13 20.02 -18.73
CA TYR B 365 15.17 19.79 -20.16
C TYR B 365 13.71 19.82 -20.61
N TYR B 366 12.86 19.07 -19.91
CA TYR B 366 11.43 19.02 -20.25
C TYR B 366 10.83 20.45 -20.31
N PRO B 367 10.12 20.77 -21.39
CA PRO B 367 9.51 22.10 -21.56
C PRO B 367 8.44 22.42 -20.52
N GLY B 368 8.37 23.70 -20.13
CA GLY B 368 7.38 24.12 -19.17
C GLY B 368 7.85 24.11 -17.73
N GLY B 369 9.11 23.77 -17.51
CA GLY B 369 9.61 23.76 -16.15
C GLY B 369 9.66 25.14 -15.55
N ARG B 370 8.83 25.39 -14.53
CA ARG B 370 8.81 26.69 -13.87
C ARG B 370 9.71 26.58 -12.65
N GLU B 371 9.77 27.65 -11.86
CA GLU B 371 10.62 27.66 -10.66
C GLU B 371 9.77 27.43 -9.42
N ILE B 372 10.36 26.78 -8.42
CA ILE B 372 9.64 26.52 -7.16
C ILE B 372 10.61 26.66 -5.99
N TRP B 373 10.17 27.37 -4.95
CA TRP B 373 10.99 27.61 -3.76
C TRP B 373 10.40 26.93 -2.53
N LEU B 374 11.24 26.26 -1.74
CA LEU B 374 10.74 25.60 -0.54
C LEU B 374 11.51 26.01 0.70
N LYS B 375 10.77 26.36 1.74
CA LYS B 375 11.32 26.76 3.05
C LYS B 375 10.99 25.63 4.02
N GLY B 376 11.99 25.17 4.76
CA GLY B 376 11.77 24.10 5.71
C GLY B 376 12.24 24.48 7.10
N VAL B 377 11.44 24.13 8.10
CA VAL B 377 11.76 24.40 9.49
C VAL B 377 11.77 23.07 10.22
N VAL B 378 12.87 22.77 10.92
CA VAL B 378 13.02 21.50 11.61
C VAL B 378 13.43 21.65 13.06
N ASP B 379 12.92 20.74 13.89
CA ASP B 379 13.22 20.72 15.31
C ASP B 379 14.58 20.07 15.43
N ASN B 380 15.56 20.86 15.81
CA ASN B 380 16.90 20.37 15.93
C ASN B 380 17.11 19.24 16.92
N GLU B 381 16.26 19.17 17.93
CA GLU B 381 16.34 18.15 18.96
C GLU B 381 15.79 16.79 18.56
N THR B 382 14.73 16.78 17.73
CA THR B 382 14.10 15.54 17.32
C THR B 382 14.24 15.25 15.83
N ASN B 383 14.79 16.21 15.10
CA ASN B 383 14.98 16.07 13.66
C ASN B 383 13.63 15.98 12.98
N ARG B 384 12.63 16.45 13.70
CA ARG B 384 11.27 16.43 13.22
C ARG B 384 10.93 17.66 12.41
N LEU B 385 10.25 17.42 11.31
CA LEU B 385 9.82 18.47 10.41
C LEU B 385 8.73 19.28 11.10
N LEU B 386 8.98 20.56 11.32
CA LEU B 386 8.03 21.42 12.00
C LEU B 386 7.13 22.22 11.08
N GLY B 387 7.54 22.41 9.85
CA GLY B 387 6.75 23.18 8.91
C GLY B 387 7.45 23.39 7.57
N VAL B 388 6.66 23.53 6.52
CA VAL B 388 7.19 23.76 5.17
C VAL B 388 6.37 24.84 4.48
N GLN B 389 7.07 25.76 3.81
CA GLN B 389 6.46 26.84 3.07
C GLN B 389 6.89 26.70 1.61
N VAL B 390 5.96 26.93 0.68
CA VAL B 390 6.31 26.81 -0.74
C VAL B 390 5.72 27.92 -1.60
N VAL B 391 6.56 28.51 -2.45
CA VAL B 391 6.14 29.59 -3.33
C VAL B 391 6.62 29.36 -4.75
N GLY B 392 5.88 29.90 -5.72
CA GLY B 392 6.26 29.74 -7.10
C GLY B 392 5.19 29.05 -7.92
N SER B 393 5.55 27.93 -8.51
CA SER B 393 4.64 27.15 -9.35
C SER B 393 4.53 25.68 -8.90
N ASP B 394 3.36 25.08 -9.11
CA ASP B 394 3.13 23.68 -8.73
C ASP B 394 3.36 23.44 -7.24
N ILE B 395 2.64 24.22 -6.43
CA ILE B 395 2.75 24.16 -4.98
C ILE B 395 1.95 23.03 -4.36
N LEU B 396 0.71 22.88 -4.80
CA LEU B 396 -0.18 21.88 -4.22
C LEU B 396 0.40 20.52 -3.90
N PRO B 397 1.24 19.96 -4.79
CA PRO B 397 1.80 18.64 -4.47
C PRO B 397 2.72 18.68 -3.26
N ARG B 398 3.57 19.70 -3.20
CA ARG B 398 4.50 19.83 -2.09
C ARG B 398 3.88 20.08 -0.74
N ILE B 399 2.88 20.94 -0.66
CA ILE B 399 2.31 21.22 0.64
C ILE B 399 1.37 20.13 1.13
N ASP B 400 0.63 19.49 0.22
CA ASP B 400 -0.26 18.42 0.63
C ASP B 400 0.53 17.20 1.12
N THR B 401 1.63 16.87 0.46
CA THR B 401 2.45 15.75 0.86
C THR B 401 3.05 16.08 2.23
N ALA B 402 3.59 17.29 2.32
CA ALA B 402 4.22 17.77 3.55
C ALA B 402 3.24 17.81 4.72
N ALA B 403 1.98 18.05 4.44
CA ALA B 403 1.00 18.10 5.50
C ALA B 403 0.76 16.69 6.04
N ALA B 404 0.81 15.70 5.16
CA ALA B 404 0.62 14.33 5.59
C ALA B 404 1.80 13.93 6.47
N MET B 405 3.00 14.34 6.05
CA MET B 405 4.22 14.03 6.78
C MET B 405 4.15 14.63 8.17
N LEU B 406 3.72 15.89 8.22
CA LEU B 406 3.61 16.62 9.47
C LEU B 406 2.57 15.99 10.38
N MET B 407 1.46 15.56 9.79
CA MET B 407 0.38 14.92 10.51
C MET B 407 0.85 13.62 11.17
N ALA B 408 1.87 13.01 10.57
CA ALA B 408 2.44 11.75 11.04
C ALA B 408 3.70 11.86 11.90
N GLY B 409 4.24 13.06 12.05
CA GLY B 409 5.43 13.23 12.85
C GLY B 409 6.69 12.72 12.19
N PHE B 410 6.78 12.95 10.89
CA PHE B 410 7.92 12.55 10.07
C PHE B 410 9.21 13.33 10.38
N THR B 411 10.33 12.62 10.34
CA THR B 411 11.61 13.26 10.57
C THR B 411 12.12 13.66 9.21
N THR B 412 13.23 14.37 9.21
CA THR B 412 13.83 14.82 7.98
C THR B 412 14.19 13.58 7.16
N LYS B 413 14.59 12.52 7.86
CA LYS B 413 14.96 11.27 7.23
C LYS B 413 13.74 10.56 6.65
N ASP B 414 12.65 10.52 7.40
CA ASP B 414 11.41 9.87 6.94
C ASP B 414 10.95 10.45 5.60
N ALA B 415 10.98 11.78 5.51
CA ALA B 415 10.56 12.47 4.30
C ALA B 415 11.46 12.15 3.11
N PHE B 416 12.76 12.08 3.35
CA PHE B 416 13.72 11.81 2.28
C PHE B 416 13.44 10.48 1.60
N PHE B 417 13.12 9.46 2.37
CA PHE B 417 12.86 8.12 1.84
C PHE B 417 11.40 7.82 1.51
N THR B 418 10.54 8.83 1.50
CA THR B 418 9.14 8.59 1.16
C THR B 418 9.15 8.40 -0.35
N ASP B 419 8.50 7.34 -0.80
CA ASP B 419 8.44 6.99 -2.22
C ASP B 419 7.49 7.85 -3.05
N LEU B 420 7.91 9.06 -3.39
CA LEU B 420 7.06 9.93 -4.19
C LEU B 420 7.17 9.68 -5.71
N ALA B 421 6.16 10.13 -6.44
CA ALA B 421 6.08 9.91 -7.89
C ALA B 421 7.01 10.71 -8.78
N TYR B 422 7.39 10.11 -9.91
CA TYR B 422 8.25 10.73 -10.90
C TYR B 422 7.94 10.31 -12.34
N ALA B 423 7.99 11.28 -13.23
CA ALA B 423 7.77 11.12 -14.66
C ALA B 423 8.07 12.53 -15.18
N PRO B 424 8.75 12.63 -16.34
CA PRO B 424 9.07 13.96 -16.87
C PRO B 424 7.96 14.98 -16.94
N PRO B 425 6.77 14.56 -17.34
CA PRO B 425 5.72 15.57 -17.39
C PRO B 425 5.18 15.96 -16.02
N PHE B 426 5.54 15.20 -14.98
CA PHE B 426 5.03 15.47 -13.63
C PHE B 426 6.00 16.16 -12.67
N ALA B 427 7.24 15.71 -12.64
CA ALA B 427 8.23 16.27 -11.73
C ALA B 427 9.63 15.73 -11.99
N PRO B 428 10.66 16.31 -11.34
CA PRO B 428 12.03 15.85 -11.53
C PRO B 428 12.31 14.63 -10.66
N VAL B 429 13.33 13.85 -11.01
CA VAL B 429 13.64 12.64 -10.25
C VAL B 429 13.70 12.92 -8.75
N TRP B 430 14.32 14.02 -8.36
CA TRP B 430 14.34 14.36 -6.94
C TRP B 430 13.26 15.40 -6.77
N ASP B 431 12.14 15.01 -6.19
CA ASP B 431 11.07 15.96 -6.00
C ASP B 431 11.52 17.14 -5.16
N PRO B 432 11.04 18.34 -5.46
CA PRO B 432 11.44 19.50 -4.68
C PRO B 432 11.28 19.30 -3.17
N LEU B 433 10.38 18.41 -2.77
CA LEU B 433 10.17 18.15 -1.35
C LEU B 433 11.30 17.28 -0.80
N ILE B 434 11.75 16.30 -1.59
CA ILE B 434 12.85 15.44 -1.16
C ILE B 434 14.15 16.24 -1.09
N VAL B 435 14.32 17.20 -2.01
CA VAL B 435 15.54 18.00 -2.00
C VAL B 435 15.62 18.74 -0.68
N LEU B 436 14.57 19.46 -0.32
CA LEU B 436 14.54 20.20 0.92
C LEU B 436 14.89 19.25 2.07
N ALA B 437 14.28 18.07 2.05
CA ALA B 437 14.52 17.08 3.08
C ALA B 437 15.99 16.68 3.16
N ARG B 438 16.61 16.42 2.00
CA ARG B 438 18.01 16.05 1.97
C ARG B 438 18.83 17.18 2.60
N VAL B 439 18.61 18.39 2.11
CA VAL B 439 19.31 19.57 2.60
C VAL B 439 19.15 19.78 4.11
N LEU B 440 17.99 19.45 4.66
CA LEU B 440 17.78 19.61 6.10
C LEU B 440 18.52 18.53 6.87
N LYS B 441 18.42 17.30 6.36
CA LYS B 441 19.06 16.13 6.97
C LYS B 441 20.57 16.35 7.10
N GLU B 442 21.22 16.70 5.98
CA GLU B 442 22.66 16.94 5.97
C GLU B 442 23.14 18.16 6.77
N GLY B 443 22.20 19.01 7.18
CA GLY B 443 22.56 20.20 7.95
C GLY B 443 22.59 19.98 9.46
N SER C 2 -33.22 -17.01 21.82
CA SER C 2 -33.29 -17.02 20.32
C SER C 2 -32.70 -18.33 19.72
N LEU C 3 -33.55 -19.09 19.03
CA LEU C 3 -33.14 -20.35 18.39
C LEU C 3 -32.39 -20.10 17.07
N LYS C 4 -31.15 -20.55 16.99
CA LYS C 4 -30.37 -20.41 15.78
C LYS C 4 -30.07 -21.78 15.22
N LYS C 5 -30.01 -21.87 13.91
CA LYS C 5 -29.71 -23.13 13.27
C LYS C 5 -28.29 -23.11 12.73
N VAL C 6 -27.51 -24.12 13.10
CA VAL C 6 -26.12 -24.24 12.68
C VAL C 6 -25.89 -25.47 11.80
N VAL C 7 -25.23 -25.27 10.66
CA VAL C 7 -24.95 -26.40 9.78
C VAL C 7 -23.46 -26.55 9.47
N ILE C 8 -22.96 -27.75 9.70
CA ILE C 8 -21.57 -28.08 9.46
C ILE C 8 -21.50 -29.20 8.43
N ILE C 9 -20.93 -28.89 7.27
CA ILE C 9 -20.76 -29.87 6.22
C ILE C 9 -19.40 -30.51 6.50
N GLY C 10 -19.34 -31.37 7.51
CA GLY C 10 -18.05 -31.96 7.84
C GLY C 10 -18.05 -33.32 8.51
N GLY C 11 -18.04 -33.34 9.83
CA GLY C 11 -18.01 -34.63 10.51
C GLY C 11 -16.57 -35.07 10.68
N GLY C 12 -15.65 -34.31 10.08
CA GLY C 12 -14.23 -34.61 10.18
C GLY C 12 -13.72 -33.98 11.47
N ALA C 13 -12.40 -33.94 11.65
CA ALA C 13 -11.78 -33.38 12.86
C ALA C 13 -12.30 -31.99 13.21
N ALA C 14 -12.23 -31.10 12.25
CA ALA C 14 -12.69 -29.73 12.43
C ALA C 14 -14.19 -29.61 12.68
N GLY C 15 -14.97 -30.28 11.84
CA GLY C 15 -16.42 -30.22 11.94
C GLY C 15 -16.98 -30.66 13.28
N MET C 16 -16.46 -31.75 13.80
CA MET C 16 -16.93 -32.26 15.07
C MET C 16 -16.51 -31.31 16.18
N SER C 17 -15.32 -30.72 16.08
CA SER C 17 -14.85 -29.77 17.09
C SER C 17 -15.75 -28.54 17.10
N ALA C 18 -16.11 -28.09 15.91
CA ALA C 18 -16.97 -26.93 15.79
C ALA C 18 -18.34 -27.26 16.39
N ALA C 19 -18.95 -28.31 15.88
CA ALA C 19 -20.26 -28.74 16.35
C ALA C 19 -20.33 -28.79 17.86
N SER C 20 -19.40 -29.53 18.46
CA SER C 20 -19.36 -29.68 19.90
C SER C 20 -19.18 -28.36 20.68
N ARG C 21 -18.36 -27.47 20.13
CA ARG C 21 -18.07 -26.19 20.77
C ARG C 21 -19.26 -25.24 20.78
N VAL C 22 -20.02 -25.21 19.69
CA VAL C 22 -21.16 -24.30 19.64
C VAL C 22 -22.32 -24.94 20.41
N LYS C 23 -22.26 -26.25 20.58
CA LYS C 23 -23.33 -26.93 21.30
C LYS C 23 -23.19 -26.75 22.82
N ARG C 24 -21.95 -26.80 23.32
CA ARG C 24 -21.73 -26.63 24.75
C ARG C 24 -21.99 -25.16 25.12
N LEU C 25 -21.80 -24.27 24.17
CA LEU C 25 -22.00 -22.85 24.40
C LEU C 25 -23.45 -22.42 24.21
N LYS C 26 -24.15 -23.08 23.30
CA LYS C 26 -25.55 -22.75 23.03
C LYS C 26 -26.38 -24.02 22.96
N PRO C 27 -26.67 -24.62 24.12
CA PRO C 27 -27.45 -25.85 24.20
C PRO C 27 -28.83 -25.77 23.56
N GLU C 28 -29.40 -24.58 23.53
CA GLU C 28 -30.73 -24.40 22.97
C GLU C 28 -30.78 -24.38 21.45
N TRP C 29 -29.61 -24.24 20.83
CA TRP C 29 -29.53 -24.20 19.37
C TRP C 29 -29.55 -25.57 18.73
N ASP C 30 -29.89 -25.59 17.45
CA ASP C 30 -29.92 -26.83 16.68
C ASP C 30 -28.66 -26.88 15.83
N VAL C 31 -27.80 -27.85 16.16
CA VAL C 31 -26.54 -28.04 15.46
C VAL C 31 -26.60 -29.35 14.66
N LYS C 32 -26.45 -29.25 13.35
CA LYS C 32 -26.47 -30.44 12.52
C LYS C 32 -25.11 -30.63 11.83
N VAL C 33 -24.76 -31.88 11.56
CA VAL C 33 -23.51 -32.17 10.86
C VAL C 33 -23.77 -33.22 9.79
N PHE C 34 -23.43 -32.86 8.57
CA PHE C 34 -23.59 -33.75 7.44
C PHE C 34 -22.22 -34.29 7.02
N GLU C 35 -22.02 -35.59 7.19
CA GLU C 35 -20.78 -36.23 6.79
C GLU C 35 -21.22 -37.08 5.60
N ALA C 36 -20.60 -36.87 4.45
CA ALA C 36 -20.97 -37.61 3.25
C ALA C 36 -20.67 -39.10 3.45
N THR C 37 -19.86 -39.38 4.45
CA THR C 37 -19.43 -40.73 4.69
C THR C 37 -19.97 -41.40 5.96
N GLU C 38 -19.55 -42.63 6.18
CA GLU C 38 -20.00 -43.40 7.33
C GLU C 38 -19.09 -43.23 8.54
N TRP C 39 -17.96 -42.58 8.32
CA TRP C 39 -16.97 -42.34 9.38
C TRP C 39 -16.95 -40.93 10.00
N VAL C 40 -16.43 -40.85 11.23
CA VAL C 40 -16.33 -39.62 12.00
C VAL C 40 -15.07 -39.68 12.89
N SER C 41 -14.52 -38.53 13.26
CA SER C 41 -13.34 -38.49 14.12
C SER C 41 -12.25 -39.53 13.77
N GLU C 66 -20.69 -43.87 15.43
CA GLU C 66 -21.50 -44.13 16.62
C GLU C 66 -22.25 -42.84 17.03
N VAL C 67 -23.57 -42.85 16.88
CA VAL C 67 -24.40 -41.71 17.24
C VAL C 67 -24.40 -41.31 18.74
N PHE C 68 -23.36 -41.70 19.50
CA PHE C 68 -23.30 -41.32 20.93
C PHE C 68 -23.16 -39.78 21.00
N ILE C 69 -22.74 -39.20 19.88
CA ILE C 69 -22.58 -37.75 19.76
C ILE C 69 -23.99 -37.15 19.81
N LYS C 70 -24.95 -37.90 19.26
CA LYS C 70 -26.35 -37.47 19.25
C LYS C 70 -26.86 -37.30 20.68
N LYS C 71 -26.17 -37.92 21.64
CA LYS C 71 -26.55 -37.80 23.05
C LYS C 71 -26.03 -36.45 23.56
N ARG C 72 -24.81 -36.09 23.18
CA ARG C 72 -24.22 -34.83 23.59
C ARG C 72 -25.00 -33.64 23.02
N GLY C 73 -26.02 -33.92 22.20
CA GLY C 73 -26.81 -32.84 21.63
C GLY C 73 -26.54 -32.47 20.19
N ILE C 74 -25.64 -33.19 19.53
CA ILE C 74 -25.32 -32.90 18.13
C ILE C 74 -26.05 -33.84 17.18
N ASP C 75 -26.87 -33.25 16.32
CA ASP C 75 -27.62 -34.03 15.34
C ASP C 75 -26.70 -34.38 14.18
N LEU C 76 -26.09 -35.56 14.26
CA LEU C 76 -25.17 -36.02 13.23
C LEU C 76 -25.88 -36.90 12.23
N HIS C 77 -25.71 -36.59 10.95
CA HIS C 77 -26.33 -37.37 9.88
C HIS C 77 -25.21 -38.02 9.10
N LEU C 78 -25.03 -39.32 9.29
CA LEU C 78 -23.98 -40.02 8.56
C LEU C 78 -24.49 -40.39 7.17
N ASN C 79 -23.57 -40.46 6.21
CA ASN C 79 -23.91 -40.79 4.83
C ASN C 79 -24.94 -39.82 4.30
N ALA C 80 -24.80 -38.56 4.68
CA ALA C 80 -25.68 -37.49 4.25
C ALA C 80 -24.82 -36.51 3.46
N GLU C 81 -24.87 -36.64 2.14
CA GLU C 81 -24.09 -35.80 1.24
C GLU C 81 -24.81 -34.49 0.96
N VAL C 82 -24.04 -33.47 0.62
CA VAL C 82 -24.63 -32.18 0.35
C VAL C 82 -24.48 -31.77 -1.10
N ILE C 83 -25.63 -31.59 -1.75
CA ILE C 83 -25.66 -31.13 -3.13
C ILE C 83 -26.25 -29.72 -2.95
N GLU C 84 -25.86 -28.79 -3.80
CA GLU C 84 -26.41 -27.43 -3.71
C GLU C 84 -26.39 -26.80 -2.32
N VAL C 85 -25.93 -25.56 -2.24
CA VAL C 85 -25.94 -24.85 -0.97
C VAL C 85 -26.19 -23.38 -1.29
N ASP C 86 -27.30 -22.83 -0.79
CA ASP C 86 -27.61 -21.44 -1.08
C ASP C 86 -27.61 -20.61 0.19
N THR C 87 -27.80 -19.31 0.03
CA THR C 87 -27.83 -18.37 1.15
C THR C 87 -29.02 -18.68 2.05
N GLY C 88 -28.85 -19.54 3.05
CA GLY C 88 -29.98 -19.79 3.93
C GLY C 88 -30.38 -21.24 4.02
N TYR C 89 -30.22 -21.96 2.92
CA TYR C 89 -30.58 -23.36 2.97
C TYR C 89 -29.55 -24.25 2.35
N VAL C 90 -29.73 -25.54 2.58
CA VAL C 90 -28.82 -26.54 2.05
C VAL C 90 -29.62 -27.81 1.70
N ARG C 91 -29.26 -28.45 0.58
CA ARG C 91 -29.95 -29.65 0.10
C ARG C 91 -29.08 -30.88 0.29
N VAL C 92 -29.52 -31.82 1.12
CA VAL C 92 -28.73 -33.01 1.35
C VAL C 92 -29.42 -34.33 0.99
N ARG C 93 -28.62 -35.21 0.40
CA ARG C 93 -29.06 -36.52 -0.05
C ARG C 93 -28.72 -37.62 0.96
N GLU C 94 -29.72 -38.04 1.73
CA GLU C 94 -29.50 -39.09 2.71
C GLU C 94 -30.51 -40.22 2.49
N ASN C 95 -30.02 -41.46 2.58
CA ASN C 95 -30.83 -42.65 2.42
C ASN C 95 -31.75 -42.63 1.20
N GLY C 96 -31.14 -42.53 0.02
CA GLY C 96 -31.91 -42.51 -1.20
C GLY C 96 -32.73 -41.25 -1.40
N GLY C 97 -33.21 -40.69 -0.30
CA GLY C 97 -34.02 -39.48 -0.38
C GLY C 97 -33.21 -38.18 -0.42
N GLU C 98 -33.92 -37.08 -0.57
CA GLU C 98 -33.34 -35.75 -0.64
C GLU C 98 -34.19 -34.81 0.22
N LYS C 99 -33.55 -33.96 1.01
CA LYS C 99 -34.27 -33.01 1.85
C LYS C 99 -33.48 -31.73 1.94
N SER C 100 -34.10 -30.68 2.44
CA SER C 100 -33.40 -29.42 2.56
C SER C 100 -33.48 -28.93 4.02
N TYR C 101 -32.42 -28.24 4.47
CA TYR C 101 -32.35 -27.74 5.83
C TYR C 101 -31.96 -26.25 5.86
N GLU C 102 -32.49 -25.54 6.85
CA GLU C 102 -32.20 -24.11 7.03
C GLU C 102 -31.01 -23.84 7.93
N TRP C 103 -30.21 -22.83 7.57
CA TRP C 103 -29.07 -22.43 8.40
C TRP C 103 -28.93 -20.92 8.55
N ASP C 104 -28.52 -20.51 9.74
CA ASP C 104 -28.27 -19.11 10.05
C ASP C 104 -26.75 -19.00 10.00
N TYR C 105 -26.10 -20.10 10.36
CA TYR C 105 -24.65 -20.21 10.39
C TYR C 105 -24.22 -21.45 9.64
N LEU C 106 -23.24 -21.30 8.74
CA LEU C 106 -22.72 -22.43 7.98
C LEU C 106 -21.22 -22.64 8.23
N VAL C 107 -20.80 -23.90 8.25
CA VAL C 107 -19.39 -24.23 8.46
C VAL C 107 -18.90 -25.26 7.44
N PHE C 108 -17.96 -24.86 6.58
CA PHE C 108 -17.38 -25.77 5.59
C PHE C 108 -16.24 -26.51 6.29
N ALA C 109 -16.40 -27.81 6.49
CA ALA C 109 -15.40 -28.62 7.15
C ALA C 109 -15.26 -29.94 6.42
N ASN C 110 -15.54 -29.91 5.13
CA ASN C 110 -15.47 -31.11 4.34
C ASN C 110 -14.05 -31.58 3.96
N GLY C 111 -13.09 -31.19 4.79
CA GLY C 111 -11.71 -31.58 4.60
C GLY C 111 -11.16 -31.58 3.19
N ALA C 112 -10.22 -32.49 2.94
CA ALA C 112 -9.56 -32.62 1.65
C ALA C 112 -9.65 -34.05 1.13
N SER C 113 -9.54 -34.22 -0.20
CA SER C 113 -9.59 -35.55 -0.78
C SER C 113 -8.35 -35.85 -1.61
N PRO C 114 -8.05 -37.15 -1.80
CA PRO C 114 -6.87 -37.55 -2.58
C PRO C 114 -6.92 -37.03 -4.01
N GLN C 115 -5.76 -36.66 -4.53
CA GLN C 115 -5.73 -36.18 -5.91
C GLN C 115 -5.09 -37.26 -6.78
N VAL C 116 -5.89 -37.88 -7.65
CA VAL C 116 -5.38 -38.94 -8.55
C VAL C 116 -4.53 -38.38 -9.70
N PRO C 117 -3.42 -39.07 -10.02
CA PRO C 117 -2.60 -38.54 -11.11
C PRO C 117 -3.32 -38.73 -12.42
N ALA C 118 -2.80 -38.06 -13.46
CA ALA C 118 -3.35 -38.20 -14.80
C ALA C 118 -2.37 -39.17 -15.47
N ILE C 119 -2.71 -40.46 -15.40
CA ILE C 119 -1.90 -41.52 -15.97
C ILE C 119 -2.80 -42.69 -16.37
N GLU C 120 -2.50 -43.30 -17.51
CA GLU C 120 -3.32 -44.41 -18.00
C GLU C 120 -3.70 -45.48 -16.98
N GLY C 121 -4.96 -45.91 -17.03
CA GLY C 121 -5.44 -46.94 -16.12
C GLY C 121 -5.17 -46.67 -14.66
N VAL C 122 -5.97 -45.78 -14.07
CA VAL C 122 -5.83 -45.44 -12.65
C VAL C 122 -6.77 -46.27 -11.79
N ASN C 123 -7.86 -46.77 -12.40
CA ASN C 123 -8.87 -47.57 -11.68
C ASN C 123 -8.73 -49.10 -11.76
N LEU C 124 -7.54 -49.60 -12.09
CA LEU C 124 -7.33 -51.06 -12.13
C LEU C 124 -7.50 -51.56 -10.69
N LYS C 125 -8.19 -52.70 -10.52
CA LYS C 125 -8.44 -53.25 -9.19
C LYS C 125 -7.26 -53.17 -8.22
N GLY C 126 -6.05 -53.27 -8.74
CA GLY C 126 -4.87 -53.19 -7.88
C GLY C 126 -4.74 -51.88 -7.08
N VAL C 127 -4.99 -50.75 -7.76
CA VAL C 127 -4.90 -49.40 -7.20
C VAL C 127 -5.64 -49.10 -5.88
N PHE C 128 -5.01 -48.23 -5.07
CA PHE C 128 -5.51 -47.81 -3.76
C PHE C 128 -4.81 -46.48 -3.34
N THR C 129 -5.57 -45.51 -2.84
CA THR C 129 -5.01 -44.25 -2.33
C THR C 129 -5.30 -44.36 -0.85
N ALA C 130 -4.45 -43.81 0.01
CA ALA C 130 -4.68 -43.95 1.45
C ALA C 130 -5.26 -42.73 2.16
N ASP C 131 -6.59 -42.64 2.16
CA ASP C 131 -7.29 -41.54 2.83
C ASP C 131 -8.25 -42.14 3.86
N LEU C 132 -9.54 -42.12 3.51
CA LEU C 132 -10.65 -42.64 4.32
C LEU C 132 -10.41 -44.06 4.84
N PRO C 133 -11.24 -44.51 5.81
CA PRO C 133 -11.06 -45.87 6.35
C PRO C 133 -11.47 -47.09 5.50
N PRO C 134 -12.13 -46.91 4.32
CA PRO C 134 -12.45 -48.19 3.64
C PRO C 134 -11.15 -48.72 3.00
N ASP C 135 -10.34 -47.77 2.55
CA ASP C 135 -9.06 -48.05 1.93
C ASP C 135 -8.28 -48.79 3.00
N ALA C 136 -8.47 -48.35 4.25
CA ALA C 136 -7.83 -48.96 5.42
C ALA C 136 -8.26 -50.41 5.51
N LEU C 137 -9.57 -50.65 5.37
CA LEU C 137 -10.13 -51.99 5.42
C LEU C 137 -9.81 -52.72 4.08
N ALA C 138 -10.40 -52.19 2.99
CA ALA C 138 -10.24 -52.75 1.65
C ALA C 138 -8.80 -53.18 1.33
N ILE C 139 -7.90 -52.20 1.21
CA ILE C 139 -6.50 -52.48 0.91
C ILE C 139 -5.98 -53.59 1.86
N ARG C 140 -6.38 -53.55 3.13
CA ARG C 140 -5.95 -54.57 4.09
C ARG C 140 -6.58 -55.94 3.77
N GLU C 141 -7.72 -55.94 3.07
CA GLU C 141 -8.39 -57.18 2.66
C GLU C 141 -7.79 -57.72 1.35
N TYR C 142 -7.98 -56.96 0.27
CA TYR C 142 -7.48 -57.31 -1.06
C TYR C 142 -6.08 -57.92 -0.93
N MET C 143 -5.21 -57.23 -0.21
CA MET C 143 -3.84 -57.73 0.02
C MET C 143 -3.98 -59.12 0.67
N GLU C 144 -4.54 -59.14 1.89
CA GLU C 144 -4.76 -60.39 2.62
C GLU C 144 -5.79 -61.31 1.98
N LYS C 145 -5.73 -61.38 0.65
CA LYS C 145 -6.60 -62.23 -0.17
C LYS C 145 -5.74 -62.56 -1.40
N TYR C 146 -6.00 -61.88 -2.52
CA TYR C 146 -5.20 -62.11 -3.72
C TYR C 146 -3.69 -62.01 -3.38
N LYS C 147 -2.95 -63.09 -3.60
CA LYS C 147 -1.51 -63.07 -3.29
C LYS C 147 -0.88 -61.78 -3.84
N VAL C 148 -0.22 -61.04 -2.95
CA VAL C 148 0.45 -59.78 -3.29
C VAL C 148 1.88 -59.83 -2.77
N GLU C 149 2.84 -59.95 -3.67
CA GLU C 149 4.23 -60.00 -3.25
C GLU C 149 4.98 -58.72 -3.54
N ASN C 150 4.46 -57.92 -4.47
CA ASN C 150 5.11 -56.68 -4.84
C ASN C 150 4.16 -55.50 -4.89
N VAL C 151 4.36 -54.54 -3.99
CA VAL C 151 3.51 -53.36 -3.99
C VAL C 151 4.33 -52.12 -4.31
N VAL C 152 3.80 -51.31 -5.23
CA VAL C 152 4.47 -50.09 -5.63
C VAL C 152 3.73 -48.83 -5.18
N ILE C 153 4.48 -47.91 -4.59
CA ILE C 153 3.90 -46.66 -4.11
C ILE C 153 4.43 -45.49 -4.91
N ILE C 154 3.51 -44.80 -5.57
CA ILE C 154 3.87 -43.63 -6.37
C ILE C 154 3.75 -42.39 -5.49
N GLY C 155 4.91 -41.81 -5.17
CA GLY C 155 4.94 -40.62 -4.34
C GLY C 155 6.03 -40.67 -3.28
N GLY C 156 6.62 -39.52 -2.97
CA GLY C 156 7.67 -39.47 -1.96
C GLY C 156 7.36 -38.50 -0.84
N GLY C 157 6.09 -38.44 -0.44
CA GLY C 157 5.66 -37.55 0.63
C GLY C 157 5.42 -38.29 1.94
N TYR C 158 4.72 -37.64 2.87
CA TYR C 158 4.44 -38.25 4.16
C TYR C 158 3.63 -39.53 3.96
N ILE C 159 2.44 -39.37 3.38
CA ILE C 159 1.57 -40.50 3.10
C ILE C 159 2.33 -41.62 2.40
N GLY C 160 3.02 -41.28 1.32
CA GLY C 160 3.79 -42.29 0.61
C GLY C 160 4.75 -43.06 1.49
N ILE C 161 5.43 -42.35 2.40
CA ILE C 161 6.41 -42.96 3.29
C ILE C 161 5.77 -43.87 4.33
N GLU C 162 4.70 -43.41 4.97
CA GLU C 162 4.05 -44.26 5.96
C GLU C 162 3.64 -45.59 5.32
N MET C 163 3.01 -45.51 4.15
CA MET C 163 2.60 -46.71 3.44
C MET C 163 3.80 -47.60 3.09
N ALA C 164 4.93 -46.97 2.76
CA ALA C 164 6.14 -47.73 2.42
C ALA C 164 6.61 -48.53 3.63
N GLU C 165 6.30 -48.05 4.83
CA GLU C 165 6.69 -48.77 6.04
C GLU C 165 5.65 -49.84 6.36
N ALA C 166 4.38 -49.47 6.22
CA ALA C 166 3.28 -50.38 6.47
C ALA C 166 3.51 -51.72 5.76
N PHE C 167 3.71 -51.66 4.45
CA PHE C 167 3.93 -52.85 3.62
C PHE C 167 5.31 -53.51 3.80
N ALA C 168 6.35 -52.70 3.89
CA ALA C 168 7.68 -53.25 4.06
C ALA C 168 7.72 -54.16 5.30
N ALA C 169 6.94 -53.81 6.31
CA ALA C 169 6.90 -54.58 7.55
C ALA C 169 6.00 -55.80 7.39
N GLN C 170 5.22 -55.80 6.32
CA GLN C 170 4.32 -56.91 6.00
C GLN C 170 5.18 -57.92 5.24
N GLY C 171 6.48 -57.63 5.13
CA GLY C 171 7.37 -58.53 4.44
C GLY C 171 7.15 -58.55 2.95
N LYS C 172 6.22 -57.74 2.47
CA LYS C 172 6.01 -57.71 1.02
C LYS C 172 7.11 -56.86 0.40
N ASN C 173 7.45 -57.17 -0.84
CA ASN C 173 8.45 -56.40 -1.54
C ASN C 173 7.77 -55.04 -1.69
N VAL C 174 8.55 -53.95 -1.64
CA VAL C 174 8.00 -52.60 -1.77
C VAL C 174 8.88 -51.71 -2.64
N THR C 175 8.24 -51.01 -3.59
CA THR C 175 8.95 -50.11 -4.50
C THR C 175 8.31 -48.74 -4.62
N MET C 176 9.06 -47.71 -4.20
CA MET C 176 8.60 -46.31 -4.22
C MET C 176 9.13 -45.62 -5.46
N ILE C 177 8.31 -44.76 -6.05
CA ILE C 177 8.73 -44.03 -7.25
C ILE C 177 8.38 -42.55 -7.11
N VAL C 178 9.40 -41.77 -6.73
CA VAL C 178 9.24 -40.35 -6.55
C VAL C 178 9.91 -39.61 -7.71
N ARG C 179 9.23 -38.58 -8.22
CA ARG C 179 9.76 -37.81 -9.33
C ARG C 179 10.80 -36.78 -8.94
N GLY C 180 10.84 -36.41 -7.67
CA GLY C 180 11.83 -35.46 -7.21
C GLY C 180 13.22 -36.07 -7.03
N GLU C 181 14.20 -35.21 -6.79
CA GLU C 181 15.58 -35.64 -6.60
C GLU C 181 15.83 -36.20 -5.20
N ARG C 182 14.76 -36.30 -4.41
CA ARG C 182 14.82 -36.83 -3.04
C ARG C 182 13.41 -36.85 -2.42
N VAL C 183 13.20 -37.71 -1.41
CA VAL C 183 11.91 -37.79 -0.75
C VAL C 183 11.65 -36.53 0.07
N LEU C 184 10.40 -36.34 0.48
CA LEU C 184 10.00 -35.16 1.27
C LEU C 184 10.64 -33.89 0.72
N ARG C 185 10.94 -33.91 -0.58
CA ARG C 185 11.57 -32.82 -1.31
C ARG C 185 11.14 -31.39 -0.97
N ARG C 186 9.84 -31.16 -0.79
CA ARG C 186 9.38 -29.80 -0.50
C ARG C 186 9.03 -29.50 0.95
N SER C 187 9.35 -30.42 1.86
CA SER C 187 9.03 -30.22 3.26
C SER C 187 10.22 -30.15 4.21
N PHE C 188 11.32 -30.78 3.81
CA PHE C 188 12.54 -30.80 4.61
C PHE C 188 13.75 -30.54 3.72
N ASP C 189 14.81 -29.98 4.31
CA ASP C 189 16.02 -29.73 3.56
C ASP C 189 16.77 -31.03 3.31
N LYS C 190 17.54 -31.05 2.22
CA LYS C 190 18.30 -32.24 1.83
C LYS C 190 19.04 -32.97 2.96
N GLU C 191 19.87 -32.27 3.73
CA GLU C 191 20.63 -32.93 4.80
C GLU C 191 19.80 -33.68 5.82
N VAL C 192 18.59 -33.19 6.08
CA VAL C 192 17.73 -33.86 7.05
C VAL C 192 17.22 -35.13 6.38
N THR C 193 16.88 -34.96 5.10
CA THR C 193 16.35 -36.00 4.24
C THR C 193 17.31 -37.17 4.05
N ASP C 194 18.54 -36.86 3.69
CA ASP C 194 19.56 -37.88 3.45
C ASP C 194 19.64 -38.93 4.56
N ILE C 195 19.51 -38.51 5.82
CA ILE C 195 19.57 -39.45 6.93
C ILE C 195 18.41 -40.45 6.84
N LEU C 196 17.25 -40.00 6.40
CA LEU C 196 16.10 -40.89 6.29
C LEU C 196 16.20 -41.81 5.11
N GLU C 197 16.64 -41.29 3.97
CA GLU C 197 16.77 -42.10 2.77
C GLU C 197 17.74 -43.26 3.00
N GLU C 198 18.80 -43.00 3.75
CA GLU C 198 19.79 -44.04 4.04
C GLU C 198 19.06 -45.26 4.59
N LYS C 199 18.22 -45.01 5.59
CA LYS C 199 17.45 -46.08 6.23
C LYS C 199 16.50 -46.68 5.23
N LEU C 200 15.88 -45.83 4.43
CA LEU C 200 14.91 -46.24 3.43
C LEU C 200 15.48 -47.13 2.33
N LYS C 201 16.66 -46.79 1.80
CA LYS C 201 17.31 -47.55 0.71
C LYS C 201 17.88 -48.88 1.20
N LYS C 202 17.38 -49.37 2.33
CA LYS C 202 17.81 -50.65 2.90
C LYS C 202 16.57 -51.48 3.15
N HIS C 203 15.40 -50.97 2.81
CA HIS C 203 14.19 -51.72 3.05
C HIS C 203 13.17 -51.56 1.94
N VAL C 204 13.45 -50.68 1.00
CA VAL C 204 12.54 -50.46 -0.12
C VAL C 204 13.35 -50.12 -1.37
N ASN C 205 12.83 -50.52 -2.54
CA ASN C 205 13.51 -50.20 -3.78
C ASN C 205 13.15 -48.75 -4.09
N LEU C 206 14.08 -47.82 -3.84
CA LEU C 206 13.79 -46.41 -4.06
C LEU C 206 14.28 -45.81 -5.38
N ARG C 207 13.33 -45.47 -6.23
CA ARG C 207 13.62 -44.89 -7.55
C ARG C 207 13.24 -43.40 -7.54
N LEU C 208 14.21 -42.54 -7.79
CA LEU C 208 13.96 -41.09 -7.79
C LEU C 208 13.98 -40.54 -9.22
N GLN C 209 13.34 -39.39 -9.39
CA GLN C 209 13.27 -38.73 -10.70
C GLN C 209 12.70 -39.69 -11.72
N GLU C 210 11.45 -40.07 -11.53
CA GLU C 210 10.79 -40.97 -12.47
C GLU C 210 9.31 -40.65 -12.47
N ILE C 211 8.84 -40.20 -13.63
CA ILE C 211 7.43 -39.86 -13.80
C ILE C 211 6.66 -41.14 -14.10
N THR C 212 5.60 -41.41 -13.34
CA THR C 212 4.81 -42.59 -13.64
C THR C 212 4.02 -42.19 -14.89
N MET C 213 3.81 -43.13 -15.80
CA MET C 213 3.09 -42.85 -17.05
C MET C 213 1.76 -43.59 -17.21
N LYS C 214 1.73 -44.87 -16.84
CA LYS C 214 0.48 -45.61 -16.97
C LYS C 214 0.70 -47.03 -16.51
N ILE C 215 -0.14 -47.50 -15.59
CA ILE C 215 0.00 -48.86 -15.07
C ILE C 215 -0.98 -49.85 -15.72
N GLU C 216 -0.45 -50.96 -16.25
CA GLU C 216 -1.29 -51.96 -16.90
C GLU C 216 -1.62 -53.23 -16.10
N GLY C 217 -2.51 -54.04 -16.68
CA GLY C 217 -2.95 -55.29 -16.08
C GLY C 217 -4.23 -55.82 -16.73
N GLU C 218 -4.99 -56.65 -15.99
CA GLU C 218 -6.23 -57.24 -16.49
C GLU C 218 -7.42 -56.65 -15.75
N GLU C 219 -7.92 -57.37 -14.76
CA GLU C 219 -9.02 -56.83 -13.97
C GLU C 219 -8.25 -56.04 -12.90
N ARG C 220 -7.39 -56.74 -12.16
CA ARG C 220 -6.56 -56.13 -11.13
C ARG C 220 -5.20 -55.79 -11.77
N VAL C 221 -4.59 -54.71 -11.31
CA VAL C 221 -3.29 -54.24 -11.85
C VAL C 221 -2.22 -55.34 -11.91
N GLU C 222 -1.27 -55.15 -12.82
CA GLU C 222 -0.17 -56.09 -13.01
C GLU C 222 1.22 -55.44 -12.87
N LYS C 223 1.54 -54.49 -13.74
CA LYS C 223 2.84 -53.82 -13.66
C LYS C 223 2.81 -52.29 -13.93
N VAL C 224 3.64 -51.55 -13.19
CA VAL C 224 3.72 -50.09 -13.33
C VAL C 224 4.99 -49.67 -14.08
N VAL C 225 4.82 -48.75 -15.04
CA VAL C 225 5.96 -48.32 -15.83
C VAL C 225 6.28 -46.84 -15.66
N THR C 226 7.54 -46.48 -15.89
CA THR C 226 8.02 -45.11 -15.79
C THR C 226 9.06 -44.84 -16.87
N ASP C 227 9.28 -43.55 -17.14
CA ASP C 227 10.24 -43.08 -18.15
C ASP C 227 11.71 -43.44 -17.89
N ALA C 228 11.95 -44.60 -17.26
CA ALA C 228 13.32 -45.05 -16.99
C ALA C 228 13.36 -46.51 -16.57
N GLY C 229 12.19 -47.12 -16.41
CA GLY C 229 12.13 -48.52 -16.01
C GLY C 229 10.75 -49.16 -16.00
N GLU C 230 10.71 -50.42 -15.55
CA GLU C 230 9.47 -51.20 -15.45
C GLU C 230 9.51 -51.91 -14.09
N TYR C 231 8.34 -52.08 -13.46
CA TYR C 231 8.29 -52.73 -12.14
C TYR C 231 7.05 -53.63 -11.89
N LYS C 232 7.27 -54.79 -11.26
CA LYS C 232 6.20 -55.76 -10.94
C LYS C 232 5.28 -55.14 -9.90
N ALA C 233 4.03 -55.58 -9.85
CA ALA C 233 3.08 -55.02 -8.88
C ALA C 233 1.70 -55.67 -8.82
N GLU C 234 1.35 -56.17 -7.64
CA GLU C 234 0.05 -56.79 -7.40
C GLU C 234 -0.86 -55.68 -6.84
N LEU C 235 -0.27 -54.89 -5.95
CA LEU C 235 -0.95 -53.80 -5.26
C LEU C 235 -0.24 -52.47 -5.54
N VAL C 236 -0.98 -51.37 -5.63
CA VAL C 236 -0.38 -50.06 -5.86
C VAL C 236 -1.06 -48.95 -5.08
N ILE C 237 -0.28 -47.90 -4.80
CA ILE C 237 -0.78 -46.77 -4.03
C ILE C 237 -0.51 -45.45 -4.71
N LEU C 238 -1.53 -44.61 -4.73
CA LEU C 238 -1.41 -43.28 -5.30
C LEU C 238 -1.26 -42.29 -4.15
N ALA C 239 -0.03 -41.88 -3.86
CA ALA C 239 0.22 -40.91 -2.80
C ALA C 239 0.84 -39.66 -3.43
N THR C 240 0.18 -39.15 -4.48
CA THR C 240 0.68 -37.98 -5.20
C THR C 240 0.18 -36.64 -4.71
N GLY C 241 -0.54 -36.61 -3.60
CA GLY C 241 -1.03 -35.35 -3.09
C GLY C 241 -2.47 -35.34 -2.63
N ILE C 242 -2.87 -34.21 -2.05
CA ILE C 242 -4.23 -34.07 -1.55
C ILE C 242 -4.76 -32.72 -2.03
N LYS C 243 -6.07 -32.57 -2.05
CA LYS C 243 -6.69 -31.34 -2.52
C LYS C 243 -7.85 -30.88 -1.65
N PRO C 244 -8.05 -29.57 -1.51
CA PRO C 244 -9.13 -28.99 -0.71
C PRO C 244 -10.47 -29.22 -1.42
N ASN C 245 -11.45 -29.73 -0.70
CA ASN C 245 -12.75 -29.97 -1.28
C ASN C 245 -13.52 -28.67 -1.26
N ILE C 246 -13.05 -27.73 -2.06
CA ILE C 246 -13.63 -26.40 -2.14
C ILE C 246 -14.88 -26.20 -3.00
N GLU C 247 -15.16 -27.15 -3.89
CA GLU C 247 -16.31 -27.05 -4.81
C GLU C 247 -17.63 -26.52 -4.29
N LEU C 248 -18.11 -27.14 -3.23
CA LEU C 248 -19.39 -26.76 -2.66
C LEU C 248 -19.43 -25.29 -2.25
N ALA C 249 -18.28 -24.78 -1.81
CA ALA C 249 -18.18 -23.39 -1.37
C ALA C 249 -18.15 -22.41 -2.54
N LYS C 250 -17.53 -22.80 -3.65
CA LYS C 250 -17.47 -21.94 -4.83
C LYS C 250 -18.90 -21.69 -5.27
N GLN C 251 -19.72 -22.69 -5.03
CA GLN C 251 -21.15 -22.65 -5.33
C GLN C 251 -21.81 -21.51 -4.56
N LEU C 252 -21.20 -21.12 -3.44
CA LEU C 252 -21.74 -20.06 -2.61
C LEU C 252 -20.92 -18.78 -2.77
N GLY C 253 -20.05 -18.77 -3.78
CA GLY C 253 -19.22 -17.61 -4.03
C GLY C 253 -18.27 -17.29 -2.90
N VAL C 254 -17.78 -18.32 -2.24
CA VAL C 254 -16.84 -18.15 -1.15
C VAL C 254 -15.47 -17.90 -1.75
N ARG C 255 -14.83 -16.82 -1.34
CA ARG C 255 -13.50 -16.51 -1.82
C ARG C 255 -12.55 -17.63 -1.43
N ILE C 256 -11.80 -18.13 -2.41
CA ILE C 256 -10.83 -19.19 -2.18
C ILE C 256 -9.48 -18.48 -2.20
N GLY C 257 -8.53 -18.96 -1.39
CA GLY C 257 -7.23 -18.33 -1.32
C GLY C 257 -6.26 -18.72 -2.41
N GLU C 258 -5.13 -18.03 -2.43
CA GLU C 258 -4.08 -18.27 -3.38
C GLU C 258 -3.55 -19.70 -3.22
N THR C 259 -3.70 -20.27 -2.04
CA THR C 259 -3.23 -21.64 -1.82
C THR C 259 -4.18 -22.61 -2.47
N GLY C 260 -5.41 -22.17 -2.70
CA GLY C 260 -6.38 -23.05 -3.30
C GLY C 260 -7.43 -23.44 -2.30
N ALA C 261 -7.08 -23.43 -1.02
CA ALA C 261 -8.04 -23.77 0.04
C ALA C 261 -8.93 -22.55 0.32
N ILE C 262 -9.92 -22.71 1.19
CA ILE C 262 -10.82 -21.60 1.48
C ILE C 262 -10.14 -20.50 2.26
N TRP C 263 -10.34 -19.26 1.82
CA TRP C 263 -9.78 -18.09 2.51
C TRP C 263 -10.51 -17.99 3.82
N THR C 264 -9.79 -17.61 4.85
CA THR C 264 -10.39 -17.51 6.16
C THR C 264 -9.65 -16.46 6.96
N ASN C 265 -10.19 -16.04 8.09
CA ASN C 265 -9.47 -15.08 8.90
C ASN C 265 -9.27 -15.66 10.30
N GLU C 266 -8.78 -14.84 11.24
CA GLU C 266 -8.52 -15.31 12.58
C GLU C 266 -9.69 -16.00 13.26
N LYS C 267 -10.90 -15.52 12.97
CA LYS C 267 -12.07 -16.09 13.58
C LYS C 267 -12.61 -17.23 12.73
N MET C 268 -11.81 -17.63 11.74
CA MET C 268 -12.14 -18.70 10.81
C MET C 268 -13.37 -18.35 9.95
N GLN C 269 -13.55 -17.06 9.69
CA GLN C 269 -14.67 -16.56 8.88
C GLN C 269 -14.24 -16.46 7.41
N THR C 270 -15.16 -16.76 6.52
CA THR C 270 -14.89 -16.68 5.09
C THR C 270 -15.36 -15.32 4.60
N SER C 271 -15.26 -15.12 3.29
CA SER C 271 -15.68 -13.87 2.67
C SER C 271 -17.18 -13.69 2.74
N VAL C 272 -17.92 -14.77 2.94
CA VAL C 272 -19.37 -14.70 3.03
C VAL C 272 -19.83 -14.65 4.49
N GLU C 273 -20.75 -13.74 4.77
CA GLU C 273 -21.27 -13.54 6.12
C GLU C 273 -21.94 -14.77 6.73
N ASN C 274 -21.69 -14.98 8.02
CA ASN C 274 -22.27 -16.12 8.74
C ASN C 274 -21.80 -17.47 8.20
N VAL C 275 -20.75 -17.45 7.41
CA VAL C 275 -20.21 -18.65 6.83
C VAL C 275 -18.76 -18.84 7.27
N TYR C 276 -18.50 -19.91 8.00
CA TYR C 276 -17.15 -20.19 8.47
C TYR C 276 -16.56 -21.39 7.74
N ALA C 277 -15.25 -21.51 7.83
CA ALA C 277 -14.55 -22.63 7.21
C ALA C 277 -13.45 -23.00 8.19
N ALA C 278 -13.18 -24.29 8.29
CA ALA C 278 -12.12 -24.76 9.17
C ALA C 278 -11.72 -26.16 8.76
N GLY C 279 -10.49 -26.52 9.10
CA GLY C 279 -10.01 -27.84 8.75
C GLY C 279 -9.20 -27.83 7.49
N ASP C 280 -9.02 -29.03 6.92
CA ASP C 280 -8.23 -29.22 5.73
C ASP C 280 -8.81 -28.54 4.51
N VAL C 281 -10.01 -27.98 4.67
CA VAL C 281 -10.67 -27.28 3.56
C VAL C 281 -10.23 -25.83 3.54
N ALA C 282 -9.74 -25.36 4.68
CA ALA C 282 -9.34 -23.97 4.84
C ALA C 282 -7.87 -23.64 4.71
N GLU C 283 -7.63 -22.38 4.34
CA GLU C 283 -6.30 -21.81 4.20
C GLU C 283 -6.10 -21.00 5.46
N THR C 284 -4.93 -21.10 6.06
CA THR C 284 -4.64 -20.37 7.28
C THR C 284 -3.43 -19.46 7.12
N ARG C 285 -3.04 -18.81 8.22
CA ARG C 285 -1.90 -17.89 8.23
C ARG C 285 -0.67 -18.50 8.90
N HIS C 286 0.51 -18.17 8.39
CA HIS C 286 1.72 -18.67 9.01
C HIS C 286 2.10 -17.73 10.14
N VAL C 287 2.43 -18.31 11.29
CA VAL C 287 2.80 -17.54 12.45
C VAL C 287 4.08 -16.71 12.28
N ILE C 288 5.06 -17.25 11.55
CA ILE C 288 6.32 -16.55 11.34
C ILE C 288 6.32 -15.64 10.11
N THR C 289 5.83 -16.18 9.01
CA THR C 289 5.80 -15.51 7.74
C THR C 289 4.61 -14.57 7.55
N GLY C 290 3.49 -14.89 8.18
CA GLY C 290 2.33 -14.04 8.06
C GLY C 290 1.61 -14.21 6.74
N ARG C 291 2.18 -15.01 5.85
CA ARG C 291 1.54 -15.23 4.59
C ARG C 291 0.57 -16.40 4.71
N ARG C 292 -0.46 -16.42 3.89
CA ARG C 292 -1.45 -17.49 3.92
C ARG C 292 -0.82 -18.80 3.46
N VAL C 293 -1.14 -19.86 4.18
CA VAL C 293 -0.61 -21.17 3.89
C VAL C 293 -1.67 -22.25 4.05
N TRP C 294 -1.42 -23.42 3.49
CA TRP C 294 -2.35 -24.54 3.60
C TRP C 294 -1.61 -25.68 4.26
N VAL C 295 -2.00 -26.01 5.49
CA VAL C 295 -1.33 -27.07 6.26
C VAL C 295 -2.35 -28.04 6.85
N PRO C 296 -2.98 -28.86 6.00
CA PRO C 296 -3.98 -29.84 6.44
C PRO C 296 -3.55 -30.94 7.41
N LEU C 297 -3.62 -30.63 8.71
CA LEU C 297 -3.26 -31.58 9.78
C LEU C 297 -4.26 -31.50 10.94
N ALA C 298 -4.54 -32.65 11.55
CA ALA C 298 -5.53 -32.79 12.62
C ALA C 298 -5.50 -31.81 13.81
N PRO C 299 -4.32 -31.58 14.42
CA PRO C 299 -4.24 -30.67 15.56
C PRO C 299 -4.86 -29.31 15.25
N ALA C 300 -4.29 -28.63 14.27
CA ALA C 300 -4.78 -27.33 13.86
C ALA C 300 -6.25 -27.39 13.44
N GLY C 301 -6.61 -28.45 12.71
CA GLY C 301 -7.97 -28.61 12.24
C GLY C 301 -8.96 -28.54 13.36
N ASN C 302 -8.72 -29.30 14.42
CA ASN C 302 -9.58 -29.33 15.59
C ASN C 302 -9.72 -27.95 16.23
N LYS C 303 -8.60 -27.24 16.33
CA LYS C 303 -8.62 -25.89 16.91
C LYS C 303 -9.36 -24.93 16.00
N MET C 304 -9.06 -25.02 14.70
CA MET C 304 -9.70 -24.15 13.71
C MET C 304 -11.19 -24.30 13.88
N GLY C 305 -11.62 -25.53 14.12
CA GLY C 305 -13.03 -25.80 14.30
C GLY C 305 -13.52 -25.25 15.61
N TYR C 306 -12.71 -25.44 16.65
CA TYR C 306 -13.03 -24.94 17.97
C TYR C 306 -13.25 -23.42 17.94
N VAL C 307 -12.38 -22.68 17.27
CA VAL C 307 -12.58 -21.23 17.25
C VAL C 307 -13.71 -20.77 16.35
N ALA C 308 -14.03 -21.53 15.32
CA ALA C 308 -15.14 -21.14 14.44
C ALA C 308 -16.42 -21.33 15.26
N GLY C 309 -16.45 -22.43 16.00
CA GLY C 309 -17.60 -22.70 16.84
C GLY C 309 -17.74 -21.67 17.94
N SER C 310 -16.62 -21.18 18.47
CA SER C 310 -16.66 -20.17 19.52
C SER C 310 -17.22 -18.85 19.01
N ASN C 311 -16.71 -18.37 17.90
CA ASN C 311 -17.17 -17.12 17.34
C ASN C 311 -18.63 -17.13 16.88
N ILE C 312 -19.13 -18.29 16.48
CA ILE C 312 -20.50 -18.41 16.06
C ILE C 312 -21.42 -18.26 17.25
N ALA C 313 -21.00 -18.83 18.37
CA ALA C 313 -21.75 -18.76 19.62
C ALA C 313 -21.64 -17.42 20.36
N GLY C 314 -20.91 -16.47 19.79
CA GLY C 314 -20.80 -15.17 20.43
C GLY C 314 -19.47 -14.87 21.13
N LYS C 315 -18.67 -15.89 21.39
CA LYS C 315 -17.38 -15.70 22.05
C LYS C 315 -16.25 -15.40 21.05
N GLU C 316 -15.72 -14.18 21.08
CA GLU C 316 -14.61 -13.82 20.18
C GLU C 316 -13.37 -14.60 20.57
N LEU C 317 -12.81 -15.30 19.60
CA LEU C 317 -11.60 -16.07 19.83
C LEU C 317 -10.85 -15.96 18.52
N HIS C 318 -9.53 -15.83 18.61
CA HIS C 318 -8.72 -15.69 17.42
C HIS C 318 -7.78 -16.85 17.27
N PHE C 319 -7.62 -17.33 16.04
CA PHE C 319 -6.69 -18.42 15.79
C PHE C 319 -5.45 -17.68 15.32
N PRO C 320 -4.33 -17.89 16.01
CA PRO C 320 -3.11 -17.21 15.62
C PRO C 320 -2.47 -17.66 14.30
N GLY C 321 -2.73 -18.88 13.88
CA GLY C 321 -2.14 -19.39 12.66
C GLY C 321 -1.27 -20.59 12.94
N VAL C 322 -0.56 -21.10 11.93
CA VAL C 322 0.28 -22.28 12.15
C VAL C 322 1.77 -22.08 11.94
N LEU C 323 2.51 -23.05 12.45
CA LEU C 323 3.96 -23.02 12.39
C LEU C 323 4.51 -24.03 11.39
N GLY C 324 3.65 -24.91 10.91
CA GLY C 324 4.09 -25.91 9.95
C GLY C 324 4.66 -27.14 10.64
N THR C 325 4.30 -27.32 11.90
CA THR C 325 4.78 -28.44 12.70
C THR C 325 4.32 -29.76 12.08
N ALA C 326 5.26 -30.63 11.79
CA ALA C 326 4.94 -31.91 11.19
C ALA C 326 5.86 -33.01 11.68
N VAL C 327 5.37 -34.24 11.73
CA VAL C 327 6.22 -35.32 12.19
C VAL C 327 5.82 -36.65 11.61
N THR C 328 6.82 -37.39 11.16
CA THR C 328 6.58 -38.72 10.61
C THR C 328 7.82 -39.55 10.86
N LYS C 329 7.80 -40.81 10.42
CA LYS C 329 8.96 -41.65 10.65
C LYS C 329 8.98 -42.88 9.79
N PHE C 330 10.17 -43.45 9.66
CA PHE C 330 10.34 -44.68 8.93
C PHE C 330 11.07 -45.65 9.87
N MET C 331 10.36 -46.68 10.30
CA MET C 331 10.93 -47.65 11.21
C MET C 331 11.45 -46.90 12.44
N ASP C 332 12.76 -46.90 12.68
CA ASP C 332 13.30 -46.24 13.87
C ASP C 332 13.97 -44.90 13.63
N VAL C 333 13.83 -44.36 12.44
CA VAL C 333 14.41 -43.05 12.17
C VAL C 333 13.22 -42.10 12.01
N GLU C 334 13.16 -41.12 12.92
CA GLU C 334 12.08 -40.15 12.94
C GLU C 334 12.51 -38.88 12.23
N ILE C 335 11.52 -38.10 11.78
CA ILE C 335 11.81 -36.87 11.08
C ILE C 335 10.69 -35.87 11.37
N GLY C 336 11.09 -34.66 11.76
CA GLY C 336 10.12 -33.62 12.10
C GLY C 336 10.60 -32.20 11.85
N LYS C 337 9.68 -31.26 11.96
CA LYS C 337 10.00 -29.86 11.72
C LYS C 337 9.00 -28.94 12.40
N THR C 338 9.35 -27.67 12.44
CA THR C 338 8.49 -26.63 12.96
C THR C 338 9.15 -25.36 12.45
N GLY C 339 8.36 -24.50 11.85
CA GLY C 339 8.93 -23.27 11.36
C GLY C 339 9.40 -23.41 9.93
N LEU C 340 10.26 -22.49 9.52
CA LEU C 340 10.74 -22.49 8.16
C LEU C 340 11.98 -23.28 7.90
N THR C 341 12.00 -23.90 6.74
CA THR C 341 13.12 -24.69 6.29
C THR C 341 14.08 -23.69 5.61
N GLU C 342 15.33 -24.06 5.38
CA GLU C 342 16.23 -23.11 4.73
C GLU C 342 15.77 -22.72 3.33
N MET C 343 15.05 -23.63 2.66
CA MET C 343 14.52 -23.34 1.33
C MET C 343 13.49 -22.21 1.50
N GLU C 344 12.53 -22.44 2.38
CA GLU C 344 11.48 -21.48 2.66
C GLU C 344 11.96 -20.10 3.13
N ALA C 345 12.91 -20.08 4.06
CA ALA C 345 13.45 -18.82 4.57
C ALA C 345 14.08 -17.98 3.48
N LEU C 346 14.77 -18.62 2.57
CA LEU C 346 15.41 -17.92 1.48
C LEU C 346 14.36 -17.41 0.51
N LYS C 347 13.36 -18.24 0.23
CA LYS C 347 12.28 -17.90 -0.71
C LYS C 347 11.50 -16.71 -0.21
N GLU C 348 11.53 -16.50 1.11
CA GLU C 348 10.82 -15.37 1.70
C GLU C 348 11.66 -14.12 1.68
N GLY C 349 12.97 -14.24 1.51
CA GLY C 349 13.80 -13.05 1.44
C GLY C 349 14.64 -12.70 2.65
N TYR C 350 14.61 -13.56 3.66
CA TYR C 350 15.37 -13.35 4.87
C TYR C 350 16.87 -13.50 4.60
N ASP C 351 17.68 -12.84 5.43
CA ASP C 351 19.13 -12.97 5.36
C ASP C 351 19.28 -14.05 6.44
N VAL C 352 19.60 -15.27 6.03
CA VAL C 352 19.68 -16.34 7.01
C VAL C 352 21.05 -16.94 7.27
N ARG C 353 21.19 -17.50 8.47
CA ARG C 353 22.40 -18.22 8.84
C ARG C 353 21.83 -19.52 9.40
N THR C 354 22.54 -20.62 9.19
CA THR C 354 22.07 -21.91 9.64
C THR C 354 23.14 -22.72 10.30
N ALA C 355 22.73 -23.82 10.93
CA ALA C 355 23.64 -24.71 11.60
C ALA C 355 23.04 -26.10 11.53
N PHE C 356 23.88 -27.13 11.55
CA PHE C 356 23.40 -28.50 11.48
C PHE C 356 24.29 -29.30 12.39
N ILE C 357 23.73 -29.79 13.49
CA ILE C 357 24.49 -30.54 14.47
C ILE C 357 24.02 -31.95 14.73
N LYS C 358 24.93 -32.75 15.26
CA LYS C 358 24.64 -34.12 15.61
C LYS C 358 24.81 -34.15 17.11
N ALA C 359 23.99 -34.93 17.80
CA ALA C 359 24.07 -35.00 19.25
C ALA C 359 23.55 -36.35 19.67
N SER C 360 23.63 -36.64 20.96
CA SER C 360 23.14 -37.92 21.44
C SER C 360 21.84 -37.69 22.20
N THR C 361 20.99 -38.71 22.17
CA THR C 361 19.71 -38.65 22.85
C THR C 361 19.94 -38.81 24.36
N ARG C 362 21.14 -39.27 24.72
CA ARG C 362 21.51 -39.50 26.12
C ARG C 362 22.95 -39.04 26.35
N PRO C 363 23.39 -39.00 27.64
CA PRO C 363 24.77 -38.59 27.93
C PRO C 363 25.59 -39.76 27.44
N HIS C 364 26.53 -39.57 26.53
CA HIS C 364 27.23 -40.76 26.07
C HIS C 364 28.10 -41.34 27.17
N TYR C 365 27.65 -42.53 27.56
CA TYR C 365 28.21 -43.37 28.60
C TYR C 365 26.93 -44.10 29.04
N TYR C 366 25.93 -43.32 29.47
CA TYR C 366 24.67 -43.92 29.89
C TYR C 366 24.18 -44.72 28.68
N PRO C 367 23.63 -45.91 28.93
CA PRO C 367 23.12 -46.79 27.87
C PRO C 367 21.93 -46.31 27.05
N GLY C 368 21.84 -46.83 25.83
CA GLY C 368 20.72 -46.52 24.96
C GLY C 368 20.75 -45.26 24.12
N GLY C 369 21.79 -44.45 24.26
CA GLY C 369 21.83 -43.24 23.46
C GLY C 369 21.80 -43.53 21.98
N ARG C 370 20.95 -42.80 21.24
CA ARG C 370 20.87 -42.97 19.79
C ARG C 370 21.16 -41.62 19.18
N GLU C 371 21.54 -41.62 17.91
CA GLU C 371 21.84 -40.39 17.23
C GLU C 371 20.61 -39.52 16.95
N ILE C 372 20.81 -38.21 17.01
CA ILE C 372 19.76 -37.25 16.76
C ILE C 372 20.46 -36.08 16.09
N TRP C 373 19.85 -35.58 15.02
CA TRP C 373 20.41 -34.49 14.22
C TRP C 373 19.46 -33.30 14.17
N LEU C 374 20.02 -32.09 14.23
CA LEU C 374 19.20 -30.90 14.17
C LEU C 374 19.67 -29.87 13.16
N LYS C 375 18.73 -29.35 12.39
CA LYS C 375 19.00 -28.31 11.39
C LYS C 375 18.33 -27.07 11.94
N GLY C 376 19.05 -25.95 11.93
CA GLY C 376 18.47 -24.73 12.46
C GLY C 376 18.64 -23.56 11.51
N VAL C 377 17.59 -22.76 11.37
CA VAL C 377 17.62 -21.59 10.48
C VAL C 377 17.26 -20.34 11.28
N VAL C 378 18.12 -19.32 11.22
CA VAL C 378 17.92 -18.07 11.97
C VAL C 378 17.91 -16.83 11.09
N ASP C 379 17.14 -15.82 11.51
CA ASP C 379 17.05 -14.53 10.80
C ASP C 379 18.29 -13.79 11.27
N ASN C 380 19.22 -13.60 10.36
CA ASN C 380 20.48 -12.98 10.68
C ASN C 380 20.39 -11.56 11.24
N GLU C 381 19.28 -10.90 10.95
CA GLU C 381 19.09 -9.53 11.39
C GLU C 381 18.45 -9.37 12.76
N THR C 382 17.69 -10.37 13.19
CA THR C 382 17.02 -10.25 14.47
C THR C 382 17.47 -11.31 15.46
N ASN C 383 18.26 -12.24 14.96
CA ASN C 383 18.77 -13.36 15.75
C ASN C 383 17.63 -14.27 16.16
N ARG C 384 16.51 -14.09 15.47
CA ARG C 384 15.34 -14.88 15.75
C ARG C 384 15.39 -16.23 15.04
N LEU C 385 14.95 -17.25 15.77
CA LEU C 385 14.92 -18.60 15.25
C LEU C 385 13.74 -18.70 14.29
N LEU C 386 14.01 -19.02 13.03
CA LEU C 386 12.95 -19.12 12.04
C LEU C 386 12.43 -20.54 11.87
N GLY C 387 13.25 -21.52 12.19
CA GLY C 387 12.84 -22.91 12.05
C GLY C 387 13.85 -23.94 12.52
N VAL C 388 13.36 -25.13 12.84
CA VAL C 388 14.21 -26.21 13.29
C VAL C 388 13.71 -27.52 12.71
N GLN C 389 14.64 -28.33 12.24
CA GLN C 389 14.32 -29.63 11.69
C GLN C 389 15.14 -30.64 12.51
N VAL C 390 14.55 -31.78 12.84
CA VAL C 390 15.27 -32.80 13.60
C VAL C 390 15.00 -34.17 12.99
N VAL C 391 16.03 -35.01 12.92
CA VAL C 391 15.86 -36.33 12.36
C VAL C 391 16.73 -37.32 13.12
N GLY C 392 16.12 -38.43 13.52
CA GLY C 392 16.84 -39.44 14.26
C GLY C 392 15.96 -40.05 15.33
N SER C 393 16.50 -40.11 16.53
CA SER C 393 15.80 -40.68 17.68
C SER C 393 15.40 -39.65 18.75
N ASP C 394 14.22 -39.85 19.33
CA ASP C 394 13.71 -38.95 20.37
C ASP C 394 13.56 -37.50 19.90
N ILE C 395 12.84 -37.36 18.81
CA ILE C 395 12.57 -36.09 18.13
C ILE C 395 11.54 -35.21 18.83
N LEU C 396 10.40 -35.79 19.19
CA LEU C 396 9.31 -35.06 19.81
C LEU C 396 9.65 -33.93 20.81
N PRO C 397 10.56 -34.19 21.77
CA PRO C 397 10.90 -33.12 22.73
C PRO C 397 11.46 -31.89 22.06
N ARG C 398 12.37 -32.12 21.12
CA ARG C 398 12.98 -30.99 20.45
C ARG C 398 12.03 -30.23 19.54
N ILE C 399 11.23 -30.93 18.74
CA ILE C 399 10.36 -30.18 17.86
C ILE C 399 9.24 -29.50 18.63
N ASP C 400 8.63 -30.17 19.60
CA ASP C 400 7.58 -29.51 20.38
C ASP C 400 8.10 -28.30 21.16
N THR C 401 9.30 -28.42 21.72
CA THR C 401 9.88 -27.31 22.47
C THR C 401 10.22 -26.16 21.52
N ALA C 402 10.76 -26.48 20.35
CA ALA C 402 11.13 -25.45 19.39
C ALA C 402 9.91 -24.76 18.79
N ALA C 403 8.77 -25.43 18.86
CA ALA C 403 7.54 -24.87 18.33
C ALA C 403 7.04 -23.80 19.28
N ALA C 404 7.25 -24.00 20.56
CA ALA C 404 6.83 -23.02 21.55
C ALA C 404 7.72 -21.78 21.42
N MET C 405 9.04 -22.00 21.33
CA MET C 405 9.99 -20.91 21.17
C MET C 405 9.64 -20.09 19.94
N LEU C 406 9.29 -20.81 18.86
CA LEU C 406 8.91 -20.21 17.58
C LEU C 406 7.63 -19.41 17.72
N MET C 407 6.67 -20.02 18.39
CA MET C 407 5.36 -19.42 18.63
C MET C 407 5.52 -18.16 19.46
N ALA C 408 6.63 -18.06 20.18
CA ALA C 408 6.87 -16.91 21.06
C ALA C 408 7.84 -15.86 20.54
N GLY C 409 8.45 -16.11 19.40
CA GLY C 409 9.38 -15.14 18.83
C GLY C 409 10.75 -15.18 19.46
N PHE C 410 11.14 -16.35 19.93
CA PHE C 410 12.44 -16.55 20.56
C PHE C 410 13.68 -16.28 19.69
N THR C 411 14.69 -15.73 20.32
CA THR C 411 15.94 -15.47 19.64
C THR C 411 16.79 -16.66 19.98
N THR C 412 17.90 -16.76 19.29
CA THR C 412 18.85 -17.83 19.48
C THR C 412 19.37 -17.81 20.93
N LYS C 413 19.47 -16.62 21.51
CA LYS C 413 19.92 -16.47 22.89
C LYS C 413 18.77 -16.92 23.80
N ASP C 414 17.54 -16.57 23.44
CA ASP C 414 16.36 -16.94 24.21
C ASP C 414 16.31 -18.43 24.38
N ALA C 415 16.41 -19.15 23.27
CA ALA C 415 16.36 -20.60 23.28
C ALA C 415 17.45 -21.15 24.17
N PHE C 416 18.66 -20.61 24.01
CA PHE C 416 19.83 -21.01 24.75
C PHE C 416 19.65 -21.07 26.26
N PHE C 417 19.01 -20.07 26.82
CA PHE C 417 18.80 -19.99 28.26
C PHE C 417 17.51 -20.61 28.80
N THR C 418 16.76 -21.32 27.97
CA THR C 418 15.52 -21.93 28.41
C THR C 418 15.86 -23.06 29.36
N ASP C 419 15.26 -23.02 30.53
CA ASP C 419 15.51 -24.03 31.53
C ASP C 419 14.91 -25.36 31.12
N LEU C 420 15.65 -26.16 30.36
CA LEU C 420 15.16 -27.46 29.93
C LEU C 420 15.58 -28.56 30.91
N ALA C 421 15.01 -29.75 30.75
CA ALA C 421 15.27 -30.88 31.63
C ALA C 421 16.55 -31.68 31.44
N TYR C 422 17.03 -32.25 32.55
CA TYR C 422 18.23 -33.11 32.59
C TYR C 422 18.21 -34.20 33.67
N ALA C 423 18.60 -35.40 33.23
CA ALA C 423 18.70 -36.59 34.06
C ALA C 423 19.12 -37.62 33.01
N PRO C 424 20.21 -38.35 33.28
CA PRO C 424 20.70 -39.37 32.33
C PRO C 424 19.68 -40.18 31.54
N PRO C 425 18.59 -40.60 32.18
CA PRO C 425 17.63 -41.38 31.38
C PRO C 425 16.88 -40.53 30.36
N PHE C 426 16.62 -39.28 30.71
CA PHE C 426 15.86 -38.39 29.85
C PHE C 426 16.62 -37.61 28.77
N ALA C 427 17.79 -37.05 29.09
CA ALA C 427 18.54 -36.27 28.10
C ALA C 427 19.93 -35.91 28.57
N PRO C 428 20.80 -35.42 27.67
CA PRO C 428 22.16 -35.04 28.04
C PRO C 428 22.16 -33.70 28.76
N VAL C 429 23.26 -33.37 29.42
CA VAL C 429 23.36 -32.12 30.17
C VAL C 429 22.94 -30.96 29.29
N TRP C 430 23.60 -30.84 28.15
CA TRP C 430 23.24 -29.81 27.19
C TRP C 430 22.23 -30.49 26.26
N ASP C 431 20.97 -30.12 26.35
CA ASP C 431 20.00 -30.73 25.47
C ASP C 431 20.39 -30.40 24.04
N PRO C 432 20.12 -31.32 23.10
CA PRO C 432 20.46 -31.09 21.70
C PRO C 432 19.91 -29.77 21.16
N LEU C 433 18.73 -29.39 21.64
CA LEU C 433 18.15 -28.13 21.19
C LEU C 433 18.97 -26.98 21.74
N ILE C 434 19.39 -27.08 23.00
CA ILE C 434 20.19 -26.03 23.59
C ILE C 434 21.55 -25.95 22.90
N VAL C 435 22.06 -27.10 22.43
CA VAL C 435 23.36 -27.11 21.75
C VAL C 435 23.25 -26.40 20.42
N LEU C 436 22.15 -26.65 19.71
CA LEU C 436 21.90 -26.01 18.42
C LEU C 436 21.87 -24.50 18.60
N ALA C 437 21.09 -24.05 19.56
CA ALA C 437 20.97 -22.62 19.85
C ALA C 437 22.31 -21.99 20.20
N ARG C 438 23.16 -22.73 20.87
CA ARG C 438 24.47 -22.23 21.26
C ARG C 438 25.28 -22.04 19.97
N VAL C 439 25.17 -22.99 19.06
CA VAL C 439 25.88 -22.91 17.80
C VAL C 439 25.41 -21.72 17.00
N LEU C 440 24.09 -21.54 16.89
CA LEU C 440 23.53 -20.40 16.15
C LEU C 440 23.84 -19.07 16.85
N LYS C 441 23.77 -19.07 18.17
CA LYS C 441 24.05 -17.89 18.99
C LYS C 441 25.40 -17.32 18.58
N GLU C 442 26.41 -18.19 18.62
CA GLU C 442 27.76 -17.80 18.26
C GLU C 442 27.89 -17.85 16.71
N GLY C 443 26.92 -17.23 16.03
CA GLY C 443 26.91 -17.21 14.57
C GLY C 443 27.23 -15.87 13.90
#